data_5D9N
#
_entry.id   5D9N
#
_cell.length_a   75.560
_cell.length_b   84.116
_cell.length_c   138.630
_cell.angle_alpha   90.00
_cell.angle_beta   90.00
_cell.angle_gamma   90.00
#
_symmetry.space_group_name_H-M   'P 21 21 21'
#
loop_
_entity.id
_entity.type
_entity.pdbx_description
1 polymer B-1,4-endoglucanase
2 branched alpha-D-xylopyranose-(1-6)-beta-D-glucopyranose-(1-4)-[alpha-D-xylopyranose-(1-6)]beta-D-glucopyranose-(1-4)-[alpha-D-xylopyranose-(1-6)]beta-D-glucopyranose-(1-4)-beta-D-glucopyranose
3 non-polymer 'CALCIUM ION'
4 water water
#
_entity_poly.entity_id   1
_entity_poly.type   'polypeptide(L)'
_entity_poly.pdbx_seq_one_letter_code
;MINQNATYMEESAQSAVDNFGLGFNLGNTLDANGCGTGKPVATYETFWGQPETTQDMMTFLMQNGFNAVRIPVTWYEHMD
AEGNVDEAWMMRVKAIVEYAMNAGLYAIVNVHHDTAAGSGAWIKADTDVYAATKEKFKKLWTQIANALADYDQHLLFEGY
NEMLDGNNSWDEPQKASGYEALNNYAQDFVDAVRATGGNNATRNLIVNTYAAAKGENVLNNFMLPTDAVNNHLIVQVHSY
DPWNFFNTKTTWDSECHNTLTEIFSALSKKFTTIPYIIGEYGTHGESDISVSKSSPAEKIKLAADQAADMVKLAKDHHSA
TFYWMSIFDGSDRIQPQWSLPTVVEAMQEAYNN
;
_entity_poly.pdbx_strand_id   A,B
#
loop_
_chem_comp.id
_chem_comp.type
_chem_comp.name
_chem_comp.formula
BGC D-saccharide, beta linking beta-D-glucopyranose 'C6 H12 O6'
CA non-polymer 'CALCIUM ION' 'Ca 2'
XYS D-saccharide, alpha linking alpha-D-xylopyranose 'C5 H10 O5'
#
# COMPACT_ATOMS: atom_id res chain seq x y z
N ASN A 5 30.37 -9.06 -21.59
CA ASN A 5 31.41 -8.85 -22.61
C ASN A 5 32.71 -8.07 -22.23
N ALA A 6 32.65 -7.08 -21.35
CA ALA A 6 33.84 -6.59 -20.67
C ALA A 6 34.45 -7.77 -19.95
N THR A 7 35.75 -7.81 -19.86
CA THR A 7 36.42 -8.92 -19.24
C THR A 7 36.22 -8.96 -17.72
N TYR A 8 35.83 -10.12 -17.21
CA TYR A 8 35.63 -10.30 -15.78
C TYR A 8 36.91 -10.11 -15.03
N MET A 9 36.89 -9.30 -14.00
CA MET A 9 38.02 -9.16 -13.12
C MET A 9 37.56 -9.30 -11.66
N GLU A 10 37.94 -10.41 -11.06
CA GLU A 10 37.50 -10.72 -9.67
C GLU A 10 37.78 -9.55 -8.74
N GLU A 11 36.79 -9.13 -7.98
CA GLU A 11 37.03 -8.08 -7.00
C GLU A 11 36.30 -8.43 -5.70
N SER A 12 36.85 -7.97 -4.58
CA SER A 12 36.32 -8.37 -3.30
C SER A 12 34.95 -7.74 -3.04
N ALA A 13 34.20 -8.37 -2.15
CA ALA A 13 32.88 -7.86 -1.82
C ALA A 13 32.99 -6.42 -1.25
N GLN A 14 33.96 -6.19 -0.36
CA GLN A 14 34.09 -4.86 0.23
C GLN A 14 34.46 -3.83 -0.84
N SER A 15 35.32 -4.23 -1.80
CA SER A 15 35.63 -3.32 -2.92
C SER A 15 34.39 -2.94 -3.68
N ALA A 16 33.55 -3.93 -3.99
CA ALA A 16 32.31 -3.63 -4.75
C ALA A 16 31.45 -2.64 -3.97
N VAL A 17 31.25 -2.95 -2.69
CA VAL A 17 30.43 -2.10 -1.86
C VAL A 17 31.01 -0.67 -1.79
N ASP A 18 32.33 -0.57 -1.67
CA ASP A 18 32.96 0.74 -1.70
C ASP A 18 32.77 1.46 -3.04
N ASN A 19 32.66 0.69 -4.12
CA ASN A 19 32.57 1.26 -5.45
C ASN A 19 31.12 1.52 -5.90
N PHE A 20 30.15 1.06 -5.12
CA PHE A 20 28.74 1.28 -5.46
C PHE A 20 28.41 2.77 -5.49
N GLY A 21 29.05 3.51 -4.57
CA GLY A 21 28.73 4.91 -4.40
C GLY A 21 27.26 5.08 -4.08
N LEU A 22 26.62 6.07 -4.67
CA LEU A 22 25.17 6.28 -4.51
C LEU A 22 24.41 5.31 -5.40
N GLY A 23 23.45 4.60 -4.80
CA GLY A 23 22.64 3.62 -5.52
C GLY A 23 21.16 3.97 -5.60
N PHE A 24 20.48 3.35 -6.57
CA PHE A 24 19.05 3.56 -6.80
C PHE A 24 18.35 2.25 -7.12
N ASN A 25 17.12 2.10 -6.62
CA ASN A 25 16.23 0.96 -6.94
C ASN A 25 15.30 1.25 -8.07
N LEU A 26 15.37 0.43 -9.12
CA LEU A 26 14.43 0.53 -10.27
C LEU A 26 13.13 -0.17 -9.85
N GLY A 27 12.45 0.40 -8.86
CA GLY A 27 11.33 -0.33 -8.25
C GLY A 27 10.02 -0.27 -9.00
N ASN A 28 9.09 -1.18 -8.66
CA ASN A 28 7.77 -1.30 -9.27
C ASN A 28 7.85 -1.45 -10.78
N THR A 29 8.93 -2.10 -11.24
CA THR A 29 9.19 -2.24 -12.66
C THR A 29 9.23 -3.77 -12.98
N LEU A 30 10.40 -4.41 -13.03
CA LEU A 30 10.37 -5.86 -13.33
C LEU A 30 9.85 -6.65 -12.13
N ASP A 31 9.73 -5.97 -10.99
CA ASP A 31 9.17 -6.58 -9.80
C ASP A 31 7.63 -6.51 -9.77
N ALA A 32 7.05 -5.67 -10.63
CA ALA A 32 5.59 -5.60 -10.68
C ALA A 32 5.02 -6.95 -11.12
N ASN A 33 3.83 -7.29 -10.61
CA ASN A 33 3.29 -8.62 -10.80
C ASN A 33 1.80 -8.60 -10.41
N GLY A 34 1.09 -9.61 -10.90
CA GLY A 34 -0.29 -9.84 -10.49
C GLY A 34 -1.23 -9.89 -11.68
N CYS A 35 -0.75 -9.62 -12.90
CA CYS A 35 -1.65 -9.66 -14.05
C CYS A 35 -1.87 -11.07 -14.59
N GLY A 36 -1.17 -12.07 -14.03
CA GLY A 36 -1.34 -13.45 -14.46
C GLY A 36 -0.18 -13.91 -15.32
N THR A 37 -0.19 -15.18 -15.69
CA THR A 37 0.84 -15.75 -16.56
C THR A 37 0.52 -15.50 -18.04
N GLY A 38 1.53 -15.62 -18.89
CA GLY A 38 1.33 -15.60 -20.35
C GLY A 38 1.08 -14.26 -21.01
N LYS A 39 1.31 -13.17 -20.29
CA LYS A 39 1.11 -11.83 -20.82
C LYS A 39 2.36 -11.33 -21.53
N PRO A 40 2.21 -10.31 -22.38
CA PRO A 40 3.42 -9.73 -23.00
C PRO A 40 4.37 -9.16 -21.94
N VAL A 41 5.68 -9.17 -22.21
CA VAL A 41 6.66 -8.64 -21.25
C VAL A 41 6.30 -7.22 -20.78
N ALA A 42 5.93 -6.34 -21.71
CA ALA A 42 5.64 -4.95 -21.34
C ALA A 42 4.46 -4.80 -20.42
N THR A 43 3.56 -5.77 -20.48
CA THR A 43 2.38 -5.73 -19.62
C THR A 43 2.78 -5.84 -18.14
N TYR A 44 3.79 -6.66 -17.86
CA TYR A 44 4.33 -6.74 -16.50
C TYR A 44 5.11 -5.48 -16.14
N GLU A 45 6.02 -5.09 -17.03
CA GLU A 45 6.94 -4.00 -16.69
C GLU A 45 6.20 -2.67 -16.39
N THR A 46 5.02 -2.45 -17.01
CA THR A 46 4.26 -1.21 -16.85
C THR A 46 3.01 -1.39 -15.98
N PHE A 47 2.85 -2.57 -15.40
CA PHE A 47 1.63 -2.93 -14.64
C PHE A 47 1.39 -2.02 -13.40
N TRP A 48 2.47 -1.51 -12.80
CA TRP A 48 2.37 -0.66 -11.63
C TRP A 48 2.72 0.80 -11.96
N GLY A 49 2.52 1.17 -13.21
CA GLY A 49 2.58 2.56 -13.60
C GLY A 49 3.96 3.08 -13.95
N GLN A 50 4.98 2.24 -14.02
CA GLN A 50 6.30 2.76 -14.45
C GLN A 50 6.42 2.63 -15.96
N PRO A 51 7.25 3.49 -16.60
CA PRO A 51 7.48 3.33 -18.04
C PRO A 51 8.36 2.11 -18.32
N GLU A 52 8.40 1.65 -19.57
CA GLU A 52 9.41 0.65 -19.91
C GLU A 52 10.79 1.28 -19.75
N THR A 53 11.71 0.49 -19.20
CA THR A 53 13.07 0.94 -18.93
C THR A 53 13.88 1.21 -20.20
N THR A 54 14.73 2.23 -20.18
CA THR A 54 15.53 2.58 -21.34
C THR A 54 17.02 2.67 -20.98
N GLN A 55 17.87 2.58 -21.99
CA GLN A 55 19.30 2.80 -21.79
C GLN A 55 19.58 4.18 -21.17
N ASP A 56 18.86 5.19 -21.64
CA ASP A 56 19.09 6.56 -21.16
C ASP A 56 18.85 6.69 -19.67
N MET A 57 17.96 5.87 -19.11
CA MET A 57 17.76 5.92 -17.66
C MET A 57 19.03 5.54 -16.90
N MET A 58 19.70 4.51 -17.38
CA MET A 58 20.94 4.04 -16.73
C MET A 58 22.05 5.05 -16.99
N THR A 59 22.11 5.57 -18.21
CA THR A 59 23.10 6.61 -18.52
C THR A 59 22.93 7.82 -17.61
N PHE A 60 21.68 8.20 -17.41
CA PHE A 60 21.37 9.35 -16.57
C PHE A 60 21.87 9.13 -15.13
N LEU A 61 21.62 7.94 -14.59
CA LEU A 61 22.12 7.65 -13.22
C LEU A 61 23.63 7.85 -13.16
N MET A 62 24.34 7.25 -14.10
CA MET A 62 25.83 7.33 -14.08
C MET A 62 26.31 8.77 -14.29
N GLN A 63 25.65 9.51 -15.18
CA GLN A 63 26.08 10.87 -15.46
C GLN A 63 25.66 11.86 -14.36
N ASN A 64 24.84 11.42 -13.40
CA ASN A 64 24.41 12.32 -12.35
C ASN A 64 24.76 11.79 -10.96
N GLY A 65 25.93 11.15 -10.86
CA GLY A 65 26.54 10.90 -9.56
C GLY A 65 26.18 9.60 -8.85
N PHE A 66 25.52 8.69 -9.57
CA PHE A 66 25.19 7.38 -9.02
C PHE A 66 26.05 6.31 -9.65
N ASN A 67 26.41 5.28 -8.88
CA ASN A 67 27.28 4.27 -9.46
C ASN A 67 26.73 2.85 -9.37
N ALA A 68 25.48 2.72 -8.89
CA ALA A 68 24.92 1.38 -8.76
C ALA A 68 23.40 1.43 -8.90
N VAL A 69 22.84 0.37 -9.46
CA VAL A 69 21.37 0.27 -9.56
C VAL A 69 20.95 -1.13 -9.12
N ARG A 70 19.89 -1.18 -8.31
CA ARG A 70 19.28 -2.44 -7.98
C ARG A 70 18.06 -2.62 -8.85
N ILE A 71 17.96 -3.81 -9.44
CA ILE A 71 16.92 -4.16 -10.42
C ILE A 71 16.09 -5.29 -9.81
N PRO A 72 15.09 -4.92 -9.02
CA PRO A 72 14.19 -5.96 -8.50
C PRO A 72 13.48 -6.70 -9.61
N VAL A 73 13.39 -8.03 -9.50
CA VAL A 73 12.67 -8.83 -10.48
C VAL A 73 11.78 -9.82 -9.75
N THR A 74 10.50 -9.86 -10.10
CA THR A 74 9.59 -10.90 -9.59
C THR A 74 9.44 -11.96 -10.68
N TRP A 75 9.60 -13.24 -10.33
CA TRP A 75 9.73 -14.30 -11.32
C TRP A 75 8.52 -15.20 -11.49
N TYR A 76 7.67 -15.34 -10.45
CA TYR A 76 6.72 -16.48 -10.46
C TYR A 76 5.76 -16.48 -11.65
N GLU A 77 5.34 -15.33 -12.14
CA GLU A 77 4.40 -15.35 -13.29
C GLU A 77 5.07 -15.69 -14.61
N HIS A 78 6.40 -15.77 -14.57
CA HIS A 78 7.23 -16.09 -15.73
C HIS A 78 7.80 -17.48 -15.68
N MET A 79 7.29 -18.30 -14.75
CA MET A 79 7.78 -19.67 -14.66
C MET A 79 6.66 -20.62 -15.04
N ASP A 80 6.98 -21.65 -15.81
CA ASP A 80 5.97 -22.66 -16.10
C ASP A 80 5.85 -23.65 -14.92
N ALA A 81 5.01 -24.66 -15.08
CA ALA A 81 4.73 -25.61 -14.01
C ALA A 81 6.00 -26.33 -13.53
N GLU A 82 6.96 -26.50 -14.44
CA GLU A 82 8.22 -27.18 -14.11
C GLU A 82 9.29 -26.21 -13.60
N GLY A 83 8.98 -24.93 -13.49
CA GLY A 83 9.92 -23.96 -12.94
C GLY A 83 10.83 -23.33 -14.00
N ASN A 84 10.57 -23.61 -15.27
CA ASN A 84 11.34 -22.95 -16.34
C ASN A 84 10.94 -21.50 -16.58
N VAL A 85 11.91 -20.62 -16.65
CA VAL A 85 11.64 -19.20 -16.88
C VAL A 85 11.38 -18.90 -18.35
N ASP A 86 10.29 -18.20 -18.64
CA ASP A 86 9.97 -17.79 -20.01
CA ASP A 86 9.96 -17.77 -20.00
C ASP A 86 11.15 -17.09 -20.66
N GLU A 87 11.50 -17.48 -21.89
CA GLU A 87 12.71 -16.88 -22.46
C GLU A 87 12.60 -15.36 -22.72
N ALA A 88 11.44 -14.87 -23.19
CA ALA A 88 11.24 -13.44 -23.44
C ALA A 88 11.45 -12.65 -22.15
N TRP A 89 10.98 -13.21 -21.04
CA TRP A 89 11.20 -12.54 -19.76
C TRP A 89 12.70 -12.49 -19.38
N MET A 90 13.39 -13.63 -19.49
CA MET A 90 14.82 -13.64 -19.12
C MET A 90 15.58 -12.68 -20.05
N MET A 91 15.23 -12.65 -21.33
CA MET A 91 15.89 -11.74 -22.26
C MET A 91 15.67 -10.28 -21.88
N ARG A 92 14.49 -9.94 -21.35
CA ARG A 92 14.25 -8.54 -20.92
C ARG A 92 15.07 -8.19 -19.66
N VAL A 93 15.15 -9.10 -18.72
CA VAL A 93 16.03 -8.89 -17.55
C VAL A 93 17.45 -8.65 -18.04
N LYS A 94 17.88 -9.50 -18.96
CA LYS A 94 19.21 -9.36 -19.53
C LYS A 94 19.43 -7.99 -20.20
N ALA A 95 18.44 -7.56 -20.97
CA ALA A 95 18.53 -6.26 -21.67
C ALA A 95 18.71 -5.11 -20.69
N ILE A 96 17.99 -5.15 -19.59
CA ILE A 96 18.11 -4.08 -18.62
C ILE A 96 19.44 -4.15 -17.87
N VAL A 97 19.90 -5.38 -17.57
CA VAL A 97 21.24 -5.55 -17.03
C VAL A 97 22.25 -4.92 -17.98
N GLU A 98 22.09 -5.19 -19.26
CA GLU A 98 23.03 -4.66 -20.23
CA GLU A 98 23.03 -4.64 -20.24
C GLU A 98 22.99 -3.11 -20.26
N TYR A 99 21.81 -2.53 -20.11
CA TYR A 99 21.75 -1.06 -20.03
C TYR A 99 22.65 -0.57 -18.89
N ALA A 100 22.54 -1.23 -17.74
CA ALA A 100 23.35 -0.81 -16.58
C ALA A 100 24.83 -1.03 -16.84
N MET A 101 25.18 -2.19 -17.39
CA MET A 101 26.61 -2.49 -17.68
C MET A 101 27.19 -1.46 -18.68
N ASN A 102 26.41 -1.18 -19.72
CA ASN A 102 26.81 -0.18 -20.74
C ASN A 102 27.08 1.20 -20.13
N ALA A 103 26.28 1.56 -19.13
CA ALA A 103 26.41 2.87 -18.50
C ALA A 103 27.57 2.92 -17.49
N GLY A 104 28.21 1.77 -17.25
CA GLY A 104 29.33 1.69 -16.32
C GLY A 104 28.88 1.54 -14.86
N LEU A 105 27.62 1.18 -14.65
CA LEU A 105 27.10 0.97 -13.30
C LEU A 105 27.36 -0.43 -12.75
N TYR A 106 27.38 -0.56 -11.42
CA TYR A 106 27.12 -1.85 -10.77
C TYR A 106 25.61 -2.13 -10.91
N ALA A 107 25.22 -3.41 -11.01
CA ALA A 107 23.81 -3.79 -10.99
C ALA A 107 23.58 -4.98 -10.09
N ILE A 108 22.43 -5.00 -9.41
CA ILE A 108 21.98 -6.14 -8.60
C ILE A 108 20.68 -6.66 -9.21
N VAL A 109 20.64 -7.95 -9.50
CA VAL A 109 19.39 -8.62 -9.91
C VAL A 109 19.00 -9.52 -8.75
N ASN A 110 17.73 -9.45 -8.34
CA ASN A 110 17.30 -10.32 -7.24
C ASN A 110 16.05 -11.15 -7.59
N VAL A 111 15.52 -11.79 -6.56
CA VAL A 111 14.24 -12.50 -6.58
C VAL A 111 13.36 -11.73 -5.57
N HIS A 112 12.35 -11.03 -6.05
CA HIS A 112 11.74 -9.94 -5.28
C HIS A 112 10.37 -10.32 -4.70
N HIS A 113 9.24 -10.10 -5.42
CA HIS A 113 7.93 -10.41 -4.78
C HIS A 113 7.56 -11.89 -4.86
N ASP A 114 8.54 -12.72 -5.23
CA ASP A 114 8.44 -14.14 -4.92
C ASP A 114 8.57 -14.37 -3.41
N THR A 115 9.01 -13.33 -2.70
CA THR A 115 8.96 -13.29 -1.23
C THR A 115 7.96 -12.27 -0.73
N ALA A 116 7.62 -12.42 0.56
CA ALA A 116 6.93 -11.46 1.42
C ALA A 116 5.40 -11.59 1.36
N ALA A 117 4.69 -10.50 1.49
CA ALA A 117 3.27 -10.62 1.89
C ALA A 117 2.31 -10.56 0.72
N GLY A 118 2.80 -10.46 -0.50
CA GLY A 118 1.95 -10.35 -1.67
C GLY A 118 1.35 -11.66 -2.12
N SER A 119 0.29 -11.59 -2.92
CA SER A 119 -0.26 -12.82 -3.43
C SER A 119 0.80 -13.39 -4.38
N GLY A 120 0.94 -14.69 -4.40
CA GLY A 120 1.94 -15.25 -5.28
C GLY A 120 3.31 -15.51 -4.64
N ALA A 121 3.64 -14.87 -3.52
CA ALA A 121 4.93 -15.19 -2.87
C ALA A 121 5.00 -16.67 -2.52
N TRP A 122 6.13 -17.33 -2.80
CA TRP A 122 6.21 -18.78 -2.57
C TRP A 122 7.48 -19.18 -1.81
N ILE A 123 8.42 -18.23 -1.63
CA ILE A 123 9.66 -18.43 -0.85
C ILE A 123 9.39 -17.87 0.54
N LYS A 124 9.32 -18.72 1.55
CA LYS A 124 8.96 -18.26 2.90
C LYS A 124 9.87 -18.86 3.95
N ALA A 125 10.14 -18.08 5.01
CA ALA A 125 10.91 -18.59 6.13
C ALA A 125 10.05 -19.53 7.00
N ASP A 126 9.86 -20.74 6.49
CA ASP A 126 8.94 -21.71 7.04
C ASP A 126 9.53 -23.05 6.62
N THR A 127 9.82 -23.93 7.56
CA THR A 127 10.52 -25.16 7.20
C THR A 127 9.71 -26.06 6.24
N ASP A 128 8.37 -26.12 6.37
CA ASP A 128 7.61 -26.92 5.39
C ASP A 128 7.72 -26.30 3.99
N VAL A 129 7.56 -24.99 3.91
CA VAL A 129 7.63 -24.31 2.59
C VAL A 129 9.02 -24.49 2.01
N TYR A 130 10.05 -24.32 2.83
CA TYR A 130 11.41 -24.53 2.35
C TYR A 130 11.57 -25.93 1.74
N ALA A 131 11.12 -26.95 2.43
CA ALA A 131 11.28 -28.31 1.90
C ALA A 131 10.52 -28.48 0.57
N ALA A 132 9.35 -27.86 0.46
CA ALA A 132 8.50 -28.02 -0.74
C ALA A 132 9.02 -27.24 -1.96
N THR A 133 9.85 -26.23 -1.71
CA THR A 133 10.25 -25.29 -2.74
C THR A 133 11.76 -25.22 -3.02
N LYS A 134 12.56 -25.91 -2.21
CA LYS A 134 14.00 -25.75 -2.36
C LYS A 134 14.48 -26.13 -3.76
N GLU A 135 13.96 -27.21 -4.33
CA GLU A 135 14.48 -27.57 -5.67
C GLU A 135 14.06 -26.56 -6.74
N LYS A 136 12.85 -26.07 -6.64
CA LYS A 136 12.38 -24.99 -7.52
C LYS A 136 13.22 -23.68 -7.42
N PHE A 137 13.55 -23.30 -6.20
CA PHE A 137 14.39 -22.14 -5.95
C PHE A 137 15.81 -22.33 -6.55
N LYS A 138 16.40 -23.51 -6.31
CA LYS A 138 17.75 -23.78 -6.88
C LYS A 138 17.67 -23.82 -8.41
N LYS A 139 16.60 -24.38 -8.93
CA LYS A 139 16.42 -24.40 -10.40
C LYS A 139 16.24 -22.99 -10.96
N LEU A 140 15.49 -22.13 -10.26
CA LEU A 140 15.40 -20.75 -10.69
C LEU A 140 16.78 -20.08 -10.69
N TRP A 141 17.52 -20.22 -9.60
CA TRP A 141 18.83 -19.56 -9.55
C TRP A 141 19.83 -20.16 -10.54
N THR A 142 19.74 -21.46 -10.79
CA THR A 142 20.59 -22.04 -11.82
C THR A 142 20.33 -21.36 -13.16
N GLN A 143 19.05 -21.18 -13.50
CA GLN A 143 18.68 -20.49 -14.74
C GLN A 143 19.13 -19.04 -14.80
N ILE A 144 18.89 -18.25 -13.75
CA ILE A 144 19.32 -16.86 -13.75
C ILE A 144 20.86 -16.77 -13.89
N ALA A 145 21.55 -17.55 -13.07
CA ALA A 145 23.02 -17.56 -13.06
C ALA A 145 23.59 -17.93 -14.46
N ASN A 146 23.02 -18.96 -15.09
CA ASN A 146 23.47 -19.31 -16.44
C ASN A 146 23.16 -18.21 -17.45
N ALA A 147 21.97 -17.63 -17.38
CA ALA A 147 21.59 -16.61 -18.35
C ALA A 147 22.47 -15.37 -18.22
N LEU A 148 22.87 -15.05 -16.98
CA LEU A 148 23.64 -13.81 -16.75
C LEU A 148 25.12 -14.09 -16.53
N ALA A 149 25.57 -15.29 -16.84
CA ALA A 149 26.91 -15.74 -16.46
C ALA A 149 28.06 -14.88 -17.02
N ASP A 150 27.86 -14.35 -18.23
CA ASP A 150 28.96 -13.74 -18.98
C ASP A 150 29.20 -12.28 -18.59
N TYR A 151 28.30 -11.68 -17.79
CA TYR A 151 28.53 -10.28 -17.38
C TYR A 151 29.65 -10.20 -16.38
N ASP A 152 30.34 -9.07 -16.36
CA ASP A 152 31.55 -8.96 -15.52
C ASP A 152 31.16 -8.71 -14.06
N GLN A 153 32.15 -8.36 -13.25
CA GLN A 153 31.97 -8.28 -11.82
C GLN A 153 31.07 -7.12 -11.40
N HIS A 154 30.69 -6.26 -12.36
CA HIS A 154 29.76 -5.17 -12.01
C HIS A 154 28.35 -5.72 -11.76
N LEU A 155 28.10 -6.97 -12.18
CA LEU A 155 26.77 -7.58 -11.90
C LEU A 155 26.84 -8.47 -10.67
N LEU A 156 25.93 -8.24 -9.73
CA LEU A 156 25.80 -9.07 -8.53
C LEU A 156 24.42 -9.71 -8.50
N PHE A 157 24.32 -10.85 -7.82
CA PHE A 157 23.06 -11.55 -7.66
C PHE A 157 22.64 -11.43 -6.20
N GLU A 158 21.35 -11.23 -5.98
CA GLU A 158 20.77 -11.18 -4.62
C GLU A 158 19.73 -12.30 -4.48
N GLY A 159 19.94 -13.25 -3.57
CA GLY A 159 19.16 -14.50 -3.53
C GLY A 159 17.65 -14.34 -3.36
N TYR A 160 17.24 -13.40 -2.53
CA TYR A 160 15.79 -13.25 -2.17
C TYR A 160 15.64 -11.89 -1.46
N ASN A 161 14.46 -11.29 -1.51
CA ASN A 161 14.27 -9.90 -1.08
C ASN A 161 13.92 -9.78 0.40
N GLU A 162 12.63 -9.95 0.70
CA GLU A 162 12.12 -9.81 2.08
C GLU A 162 11.38 -11.07 2.50
N MET A 163 12.15 -12.07 2.89
CA MET A 163 11.56 -13.36 3.23
C MET A 163 10.88 -13.28 4.59
N LEU A 164 9.61 -13.70 4.62
CA LEU A 164 8.81 -13.71 5.85
C LEU A 164 8.35 -15.12 6.15
N ASP A 165 7.85 -15.33 7.36
CA ASP A 165 7.30 -16.63 7.68
C ASP A 165 5.89 -16.75 7.07
N GLY A 166 5.19 -17.85 7.37
CA GLY A 166 3.89 -18.11 6.77
C GLY A 166 2.81 -17.13 7.20
N ASN A 167 3.05 -16.42 8.30
CA ASN A 167 2.10 -15.43 8.75
C ASN A 167 2.44 -14.03 8.30
N ASN A 168 3.39 -13.93 7.37
CA ASN A 168 3.86 -12.63 6.88
C ASN A 168 4.25 -11.71 8.04
N SER A 169 4.95 -12.27 9.02
CA SER A 169 5.39 -11.51 10.18
C SER A 169 6.57 -10.60 9.88
N TRP A 170 6.32 -9.30 9.88
CA TRP A 170 7.40 -8.37 9.66
C TRP A 170 8.23 -8.36 10.94
N ASP A 171 9.44 -7.84 10.85
CA ASP A 171 10.35 -7.71 12.01
C ASP A 171 11.01 -9.03 12.50
N GLU A 172 10.26 -10.06 12.91
CA GLU A 172 10.87 -11.37 13.20
CA GLU A 172 10.87 -11.36 13.20
C GLU A 172 9.84 -12.48 13.07
N PRO A 173 10.31 -13.70 12.75
CA PRO A 173 9.34 -14.79 12.58
C PRO A 173 8.67 -15.19 13.93
N GLN A 174 7.44 -15.68 13.87
CA GLN A 174 6.77 -16.11 15.09
C GLN A 174 7.46 -17.30 15.73
N LYS A 175 7.99 -18.21 14.91
CA LYS A 175 8.74 -19.35 15.43
C LYS A 175 10.20 -19.26 15.00
N ALA A 176 11.12 -19.65 15.89
CA ALA A 176 12.55 -19.57 15.59
C ALA A 176 12.94 -20.53 14.48
N SER A 177 12.14 -21.56 14.24
CA SER A 177 12.46 -22.51 13.15
C SER A 177 12.46 -21.78 11.77
N GLY A 178 11.79 -20.63 11.69
CA GLY A 178 11.78 -19.82 10.48
C GLY A 178 13.19 -19.44 10.01
N TYR A 179 14.07 -19.15 10.97
CA TYR A 179 15.45 -18.80 10.65
C TYR A 179 16.18 -19.96 9.99
N GLU A 180 15.82 -21.21 10.35
CA GLU A 180 16.49 -22.37 9.78
C GLU A 180 16.16 -22.41 8.30
N ALA A 181 14.89 -22.14 7.99
CA ALA A 181 14.48 -22.12 6.58
C ALA A 181 15.23 -21.02 5.83
N LEU A 182 15.22 -19.81 6.35
CA LEU A 182 15.91 -18.71 5.67
C LEU A 182 17.39 -19.05 5.45
N ASN A 183 18.06 -19.54 6.51
CA ASN A 183 19.47 -19.87 6.38
C ASN A 183 19.72 -20.96 5.36
N ASN A 184 18.80 -21.93 5.24
CA ASN A 184 18.94 -22.96 4.23
C ASN A 184 18.79 -22.43 2.79
N TYR A 185 17.78 -21.59 2.55
CA TYR A 185 17.64 -20.94 1.24
C TYR A 185 18.92 -20.18 0.84
N ALA A 186 19.45 -19.44 1.80
CA ALA A 186 20.65 -18.62 1.54
C ALA A 186 21.80 -19.53 1.11
N GLN A 187 21.99 -20.64 1.81
CA GLN A 187 23.03 -21.58 1.42
C GLN A 187 22.73 -22.16 0.01
N ASP A 188 21.47 -22.51 -0.26
CA ASP A 188 21.11 -23.11 -1.53
C ASP A 188 21.36 -22.14 -2.70
N PHE A 189 21.06 -20.88 -2.43
CA PHE A 189 21.30 -19.80 -3.38
C PHE A 189 22.78 -19.72 -3.75
N VAL A 190 23.62 -19.62 -2.73
CA VAL A 190 25.08 -19.59 -3.00
C VAL A 190 25.54 -20.85 -3.74
N ASP A 191 25.12 -22.01 -3.24
CA ASP A 191 25.49 -23.28 -3.85
C ASP A 191 25.10 -23.34 -5.32
N ALA A 192 23.84 -22.99 -5.62
CA ALA A 192 23.34 -23.06 -7.00
C ALA A 192 24.10 -22.14 -7.94
N VAL A 193 24.37 -20.92 -7.49
CA VAL A 193 25.09 -19.97 -8.34
C VAL A 193 26.52 -20.46 -8.56
N ARG A 194 27.20 -20.84 -7.49
CA ARG A 194 28.61 -21.25 -7.57
C ARG A 194 28.76 -22.46 -8.47
N ALA A 195 27.77 -23.36 -8.44
CA ALA A 195 27.86 -24.59 -9.21
C ALA A 195 27.88 -24.29 -10.71
N THR A 196 27.39 -23.13 -11.15
CA THR A 196 27.36 -22.89 -12.60
C THR A 196 28.75 -22.52 -13.15
N GLY A 197 29.68 -22.26 -12.24
CA GLY A 197 31.09 -22.02 -12.58
C GLY A 197 31.35 -20.77 -13.39
N GLY A 198 32.51 -20.72 -14.06
CA GLY A 198 32.84 -19.52 -14.82
C GLY A 198 32.94 -18.30 -13.90
N ASN A 199 32.48 -17.16 -14.38
CA ASN A 199 32.49 -15.93 -13.58
C ASN A 199 31.70 -16.10 -12.28
N ASN A 200 30.67 -16.93 -12.34
CA ASN A 200 29.83 -17.17 -11.18
C ASN A 200 30.55 -17.88 -10.05
N ALA A 201 31.72 -18.44 -10.33
CA ALA A 201 32.55 -19.05 -9.28
C ALA A 201 32.99 -18.01 -8.25
N THR A 202 33.14 -16.76 -8.71
CA THR A 202 33.65 -15.73 -7.80
C THR A 202 32.83 -14.44 -7.77
N ARG A 203 31.69 -14.44 -8.46
CA ARG A 203 30.85 -13.27 -8.48
C ARG A 203 30.43 -12.88 -7.08
N ASN A 204 30.33 -11.59 -6.81
CA ASN A 204 29.84 -11.17 -5.50
C ASN A 204 28.33 -11.39 -5.38
N LEU A 205 27.93 -12.04 -4.28
CA LEU A 205 26.53 -12.42 -4.08
C LEU A 205 25.99 -11.76 -2.82
N ILE A 206 24.68 -11.52 -2.79
CA ILE A 206 24.07 -10.79 -1.67
C ILE A 206 23.02 -11.61 -0.98
N VAL A 207 23.11 -11.71 0.34
CA VAL A 207 22.14 -12.50 1.08
CA VAL A 207 22.23 -12.53 1.16
C VAL A 207 21.48 -11.62 2.11
N ASN A 208 20.15 -11.71 2.16
CA ASN A 208 19.39 -10.80 3.02
C ASN A 208 18.97 -11.43 4.34
N THR A 209 18.81 -10.58 5.35
CA THR A 209 18.32 -11.07 6.65
C THR A 209 16.82 -11.35 6.58
N TYR A 210 16.30 -12.01 7.62
CA TYR A 210 14.84 -12.19 7.74
C TYR A 210 14.15 -10.84 7.55
N ALA A 211 13.19 -10.76 6.61
CA ALA A 211 12.41 -9.55 6.34
C ALA A 211 13.27 -8.36 5.88
N ALA A 212 14.55 -8.61 5.58
CA ALA A 212 15.53 -7.54 5.42
C ALA A 212 15.54 -6.63 6.64
N ALA A 213 15.26 -7.22 7.81
CA ALA A 213 15.20 -6.43 9.03
C ALA A 213 16.53 -6.51 9.78
N LYS A 214 16.63 -5.79 10.90
CA LYS A 214 17.93 -5.60 11.54
C LYS A 214 17.90 -5.60 13.06
N GLY A 215 16.81 -6.08 13.65
CA GLY A 215 16.77 -6.23 15.09
C GLY A 215 17.72 -7.29 15.62
N GLU A 216 17.82 -7.35 16.94
CA GLU A 216 18.81 -8.18 17.58
C GLU A 216 18.61 -9.65 17.30
N ASN A 217 17.37 -10.12 17.38
CA ASN A 217 17.15 -11.55 17.18
C ASN A 217 17.39 -11.98 15.71
N VAL A 218 16.98 -11.12 14.79
CA VAL A 218 17.15 -11.38 13.35
C VAL A 218 18.64 -11.44 12.98
N LEU A 219 19.42 -10.53 13.54
CA LEU A 219 20.88 -10.61 13.32
C LEU A 219 21.50 -11.83 14.03
N ASN A 220 21.09 -12.10 15.27
CA ASN A 220 21.70 -13.19 16.01
C ASN A 220 21.43 -14.52 15.34
N ASN A 221 20.28 -14.66 14.70
CA ASN A 221 19.91 -15.94 14.08
C ASN A 221 20.20 -15.99 12.58
N PHE A 222 20.88 -14.98 12.10
CA PHE A 222 21.30 -15.00 10.72
C PHE A 222 22.59 -15.81 10.54
N MET A 223 22.61 -16.76 9.61
CA MET A 223 23.83 -17.54 9.41
C MET A 223 24.35 -17.29 8.01
N LEU A 224 25.52 -16.66 7.88
CA LEU A 224 26.08 -16.46 6.55
C LEU A 224 26.37 -17.82 5.92
N PRO A 225 25.98 -18.04 4.65
CA PRO A 225 26.30 -19.31 4.00
C PRO A 225 27.79 -19.58 3.95
N THR A 226 28.15 -20.85 3.95
CA THR A 226 29.51 -21.26 3.66
CA THR A 226 29.52 -21.26 3.66
C THR A 226 29.79 -21.05 2.18
N ASP A 227 30.98 -20.54 1.85
CA ASP A 227 31.37 -20.24 0.47
C ASP A 227 32.81 -20.74 0.28
N ALA A 228 33.09 -21.47 -0.80
CA ALA A 228 34.44 -22.03 -1.00
C ALA A 228 35.45 -20.97 -1.44
N VAL A 229 34.97 -19.80 -1.84
CA VAL A 229 35.87 -18.72 -2.22
C VAL A 229 35.80 -17.63 -1.16
N ASN A 230 36.81 -16.78 -1.14
CA ASN A 230 36.92 -15.82 -0.03
CA ASN A 230 37.01 -15.80 -0.10
C ASN A 230 36.37 -14.44 -0.41
N ASN A 231 35.63 -13.85 0.54
CA ASN A 231 35.21 -12.45 0.47
C ASN A 231 34.36 -12.13 -0.77
N HIS A 232 33.38 -12.98 -1.04
CA HIS A 232 32.49 -12.69 -2.15
C HIS A 232 31.00 -12.76 -1.74
N LEU A 233 30.71 -12.50 -0.47
CA LEU A 233 29.35 -12.40 0.06
C LEU A 233 29.13 -11.06 0.73
N ILE A 234 27.92 -10.52 0.56
CA ILE A 234 27.52 -9.24 1.12
C ILE A 234 26.20 -9.47 1.86
N VAL A 235 26.01 -8.87 3.02
CA VAL A 235 24.70 -8.97 3.67
C VAL A 235 23.84 -7.76 3.36
N GLN A 236 22.51 -7.95 3.20
CA GLN A 236 21.65 -6.81 2.89
C GLN A 236 20.50 -6.70 3.90
N VAL A 237 20.25 -5.46 4.33
CA VAL A 237 19.02 -5.13 5.10
C VAL A 237 18.33 -3.93 4.42
N HIS A 238 17.09 -3.63 4.83
CA HIS A 238 16.33 -2.45 4.33
C HIS A 238 16.03 -1.54 5.50
N SER A 239 16.07 -0.21 5.31
CA SER A 239 15.80 0.71 6.42
C SER A 239 14.87 1.83 5.99
N TYR A 240 13.66 1.85 6.55
CA TYR A 240 12.80 3.02 6.40
C TYR A 240 12.52 3.57 7.81
N ASP A 241 13.52 3.44 8.69
CA ASP A 241 13.40 3.80 10.11
C ASP A 241 13.64 5.27 10.36
N PRO A 242 13.04 5.85 11.42
CA PRO A 242 12.01 5.30 12.32
C PRO A 242 10.75 5.00 11.53
N TRP A 243 10.16 3.84 11.75
CA TRP A 243 8.99 3.46 10.99
C TRP A 243 7.93 4.57 11.04
N ASN A 244 7.46 4.95 9.85
CA ASN A 244 6.39 5.94 9.64
C ASN A 244 6.82 7.38 9.95
N PHE A 245 8.14 7.64 10.03
CA PHE A 245 8.56 9.00 10.36
C PHE A 245 7.98 10.04 9.36
N PHE A 246 7.76 9.64 8.10
CA PHE A 246 7.35 10.65 7.11
C PHE A 246 5.99 11.24 7.47
N ASN A 247 5.19 10.44 8.16
CA ASN A 247 3.85 10.88 8.57
C ASN A 247 3.81 11.53 9.94
N THR A 248 4.86 11.36 10.73
CA THR A 248 4.76 11.81 12.12
C THR A 248 5.79 12.87 12.50
N LYS A 249 6.85 13.01 11.70
CA LYS A 249 7.92 13.96 12.03
C LYS A 249 7.83 15.20 11.16
N THR A 250 8.12 16.35 11.76
CA THR A 250 8.23 17.61 11.05
CA THR A 250 8.20 17.60 11.01
C THR A 250 9.61 17.76 10.45
N THR A 251 10.61 17.36 11.24
CA THR A 251 12.01 17.48 10.76
C THR A 251 12.77 16.17 11.04
N TRP A 252 13.83 15.92 10.27
CA TRP A 252 14.72 14.78 10.54
C TRP A 252 15.53 15.12 11.79
N ASP A 253 14.99 14.79 12.96
CA ASP A 253 15.52 15.31 14.23
C ASP A 253 16.50 14.38 14.94
N SER A 254 16.85 14.66 16.20
CA SER A 254 17.87 13.83 16.84
CA SER A 254 17.83 13.84 16.93
C SER A 254 17.33 12.41 17.08
N GLU A 255 16.04 12.26 17.34
CA GLU A 255 15.50 10.90 17.45
C GLU A 255 15.69 10.09 16.14
N CYS A 256 15.39 10.71 15.01
CA CYS A 256 15.59 10.09 13.71
C CYS A 256 17.07 9.75 13.50
N HIS A 257 17.93 10.73 13.75
CA HIS A 257 19.36 10.49 13.56
C HIS A 257 19.89 9.36 14.46
N ASN A 258 19.52 9.40 15.73
CA ASN A 258 19.96 8.42 16.70
C ASN A 258 19.47 7.06 16.34
N THR A 259 18.26 7.00 15.77
CA THR A 259 17.74 5.71 15.33
C THR A 259 18.67 5.12 14.26
N LEU A 260 19.05 5.93 13.28
CA LEU A 260 19.95 5.43 12.24
C LEU A 260 21.34 5.12 12.80
N THR A 261 21.91 5.98 13.67
CA THR A 261 23.25 5.68 14.17
C THR A 261 23.24 4.35 14.92
N GLU A 262 22.18 4.10 15.69
CA GLU A 262 22.07 2.85 16.42
C GLU A 262 21.98 1.66 15.48
N ILE A 263 21.25 1.82 14.40
CA ILE A 263 21.15 0.76 13.39
C ILE A 263 22.53 0.44 12.76
N PHE A 264 23.24 1.47 12.32
CA PHE A 264 24.56 1.20 11.72
C PHE A 264 25.55 0.65 12.78
N SER A 265 25.47 1.16 13.99
CA SER A 265 26.33 0.65 15.06
CA SER A 265 26.34 0.65 15.05
C SER A 265 26.10 -0.84 15.26
N ALA A 266 24.82 -1.25 15.31
CA ALA A 266 24.49 -2.67 15.48
C ALA A 266 24.97 -3.53 14.31
N LEU A 267 24.74 -3.08 13.10
CA LEU A 267 25.16 -3.83 11.93
C LEU A 267 26.68 -3.95 11.91
N SER A 268 27.36 -2.85 12.19
CA SER A 268 28.83 -2.88 12.16
C SER A 268 29.42 -3.69 13.30
N LYS A 269 28.75 -3.69 14.45
CA LYS A 269 29.23 -4.51 15.57
C LYS A 269 29.17 -5.99 15.19
N LYS A 270 28.10 -6.37 14.48
CA LYS A 270 27.92 -7.74 14.01
C LYS A 270 28.87 -8.11 12.85
N PHE A 271 28.93 -7.23 11.85
CA PHE A 271 29.64 -7.55 10.61
C PHE A 271 31.00 -6.83 10.55
N THR A 272 31.93 -7.39 11.30
CA THR A 272 33.29 -6.83 11.35
C THR A 272 34.19 -7.38 10.25
N THR A 273 33.80 -8.47 9.59
CA THR A 273 34.65 -9.07 8.53
C THR A 273 33.90 -9.29 7.21
N ILE A 274 32.64 -8.91 7.20
CA ILE A 274 31.75 -9.07 6.02
C ILE A 274 31.08 -7.72 5.70
N PRO A 275 31.00 -7.33 4.43
CA PRO A 275 30.30 -6.09 4.10
C PRO A 275 28.77 -6.18 4.21
N TYR A 276 28.11 -5.06 4.49
CA TYR A 276 26.63 -5.04 4.37
C TYR A 276 26.18 -3.81 3.64
N ILE A 277 24.99 -3.88 3.04
CA ILE A 277 24.40 -2.73 2.36
C ILE A 277 23.00 -2.45 2.83
N ILE A 278 22.60 -1.19 2.68
CA ILE A 278 21.23 -0.77 2.90
C ILE A 278 20.58 -0.81 1.52
N GLY A 279 19.99 -1.94 1.21
CA GLY A 279 19.47 -2.18 -0.12
C GLY A 279 18.23 -1.41 -0.52
N GLU A 280 17.48 -0.93 0.47
CA GLU A 280 16.36 0.00 0.23
C GLU A 280 16.34 0.98 1.40
N TYR A 281 16.05 2.24 1.11
CA TYR A 281 15.59 3.16 2.14
C TYR A 281 14.72 4.20 1.46
N GLY A 282 13.90 4.89 2.25
CA GLY A 282 13.06 5.93 1.68
C GLY A 282 12.06 6.39 2.72
N THR A 283 11.11 7.21 2.28
CA THR A 283 10.13 7.81 3.21
C THR A 283 8.89 6.93 3.36
N HIS A 284 8.83 5.83 2.61
CA HIS A 284 7.63 4.97 2.65
C HIS A 284 7.30 4.47 4.05
N GLY A 285 6.07 4.78 4.47
CA GLY A 285 5.66 4.42 5.83
C GLY A 285 4.30 3.74 5.83
N GLU A 286 3.48 4.08 6.80
CA GLU A 286 2.16 3.43 6.90
C GLU A 286 1.37 3.62 5.60
N SER A 287 0.68 2.55 5.22
CA SER A 287 -0.12 2.50 3.98
C SER A 287 0.67 2.90 2.78
N ASP A 288 1.96 2.60 2.82
CA ASP A 288 2.95 2.97 1.81
C ASP A 288 2.86 4.47 1.36
N ILE A 289 2.43 5.33 2.26
CA ILE A 289 2.48 6.78 2.04
C ILE A 289 3.97 7.22 1.96
N SER A 290 4.31 8.02 0.94
CA SER A 290 5.71 8.44 0.72
C SER A 290 5.76 9.83 0.11
N VAL A 291 6.94 10.42 0.08
CA VAL A 291 7.14 11.76 -0.46
C VAL A 291 6.88 11.78 -1.96
N SER A 292 6.47 12.92 -2.50
CA SER A 292 6.44 13.11 -3.95
C SER A 292 6.73 14.55 -4.26
N LYS A 293 6.88 14.87 -5.55
CA LYS A 293 7.27 16.23 -5.88
C LYS A 293 6.16 17.23 -5.56
N SER A 294 4.95 16.76 -5.26
CA SER A 294 3.94 17.71 -4.80
C SER A 294 3.73 17.74 -3.27
N SER A 295 4.56 17.00 -2.52
CA SER A 295 4.58 17.13 -1.06
C SER A 295 4.93 18.55 -0.66
N PRO A 296 4.48 19.01 0.52
CA PRO A 296 4.90 20.34 0.96
C PRO A 296 6.42 20.43 1.02
N ALA A 297 6.93 21.65 0.85
CA ALA A 297 8.38 21.86 0.86
C ALA A 297 9.07 21.28 2.11
N GLU A 298 8.44 21.44 3.28
CA GLU A 298 9.04 20.95 4.52
CA GLU A 298 9.01 20.95 4.53
C GLU A 298 9.15 19.41 4.53
N LYS A 299 8.23 18.74 3.87
CA LYS A 299 8.24 17.28 3.76
C LYS A 299 9.28 16.83 2.73
N ILE A 300 9.49 17.62 1.70
CA ILE A 300 10.57 17.27 0.77
C ILE A 300 11.91 17.44 1.47
N LYS A 301 12.02 18.47 2.30
CA LYS A 301 13.24 18.71 3.09
C LYS A 301 13.48 17.55 4.09
N LEU A 302 12.39 17.06 4.67
CA LEU A 302 12.46 15.89 5.53
C LEU A 302 13.08 14.71 4.76
N ALA A 303 12.58 14.47 3.56
CA ALA A 303 13.14 13.43 2.71
C ALA A 303 14.60 13.69 2.39
N ALA A 304 14.93 14.94 2.10
CA ALA A 304 16.30 15.26 1.74
C ALA A 304 17.24 14.98 2.93
N ASP A 305 16.79 15.36 4.11
CA ASP A 305 17.63 15.22 5.30
C ASP A 305 17.82 13.75 5.68
N GLN A 306 16.76 12.94 5.55
CA GLN A 306 16.90 11.52 5.76
C GLN A 306 17.97 10.94 4.83
N ALA A 307 17.85 11.30 3.56
CA ALA A 307 18.73 10.74 2.56
C ALA A 307 20.17 11.17 2.80
N ALA A 308 20.37 12.44 3.12
CA ALA A 308 21.72 12.92 3.39
C ALA A 308 22.33 12.12 4.57
N ASP A 309 21.53 11.90 5.61
CA ASP A 309 22.05 11.21 6.82
C ASP A 309 22.36 9.76 6.47
N MET A 310 21.43 9.10 5.78
CA MET A 310 21.62 7.70 5.38
C MET A 310 22.90 7.50 4.54
N VAL A 311 23.10 8.34 3.56
CA VAL A 311 24.27 8.13 2.69
CA VAL A 311 24.27 8.24 2.68
C VAL A 311 25.58 8.41 3.42
N LYS A 312 25.63 9.43 4.28
CA LYS A 312 26.86 9.74 5.04
C LYS A 312 27.17 8.67 6.09
N LEU A 313 26.15 8.29 6.86
CA LEU A 313 26.37 7.21 7.83
C LEU A 313 26.83 5.89 7.14
N ALA A 314 26.16 5.55 6.05
CA ALA A 314 26.58 4.32 5.35
C ALA A 314 28.04 4.42 4.89
N LYS A 315 28.43 5.58 4.36
CA LYS A 315 29.81 5.78 3.93
C LYS A 315 30.75 5.61 5.14
N ASP A 316 30.39 6.22 6.27
CA ASP A 316 31.21 6.11 7.49
C ASP A 316 31.38 4.65 7.93
N HIS A 317 30.34 3.86 7.70
CA HIS A 317 30.34 2.46 8.09
C HIS A 317 30.76 1.52 6.96
N HIS A 318 31.32 2.11 5.89
CA HIS A 318 31.86 1.28 4.78
C HIS A 318 30.78 0.38 4.23
N SER A 319 29.61 0.98 4.13
CA SER A 319 28.42 0.34 3.58
C SER A 319 28.06 1.06 2.26
N ALA A 320 26.82 0.92 1.80
CA ALA A 320 26.35 1.58 0.58
C ALA A 320 24.85 1.54 0.62
N THR A 321 24.20 2.42 -0.16
CA THR A 321 22.76 2.59 -0.01
C THR A 321 22.07 2.64 -1.37
N PHE A 322 20.83 2.20 -1.40
CA PHE A 322 20.05 2.23 -2.64
C PHE A 322 18.67 2.86 -2.35
N TYR A 323 18.43 4.02 -2.97
CA TYR A 323 17.17 4.77 -2.74
C TYR A 323 15.98 4.01 -3.31
N TRP A 324 14.91 3.86 -2.54
CA TRP A 324 13.73 3.19 -3.10
C TRP A 324 12.86 4.19 -3.90
N MET A 325 13.07 4.21 -5.21
CA MET A 325 12.14 4.80 -6.20
C MET A 325 11.97 6.30 -6.25
N SER A 326 11.68 6.95 -5.11
CA SER A 326 11.06 8.29 -5.20
C SER A 326 11.85 9.35 -5.99
N ILE A 327 13.19 9.28 -5.96
CA ILE A 327 13.96 10.36 -6.57
C ILE A 327 13.90 10.36 -8.11
N PHE A 328 13.47 9.24 -8.70
CA PHE A 328 13.56 9.05 -10.17
C PHE A 328 12.43 8.17 -10.64
N ASP A 329 11.23 8.75 -10.83
CA ASP A 329 10.01 7.98 -10.78
C ASP A 329 9.05 8.24 -11.96
N GLY A 330 8.39 7.18 -12.44
CA GLY A 330 7.31 7.31 -13.41
C GLY A 330 7.73 8.10 -14.64
N SER A 331 6.92 9.09 -15.01
CA SER A 331 7.16 9.88 -16.22
C SER A 331 8.49 10.60 -16.20
N ASP A 332 9.06 10.87 -15.02
CA ASP A 332 10.35 11.55 -15.07
C ASP A 332 11.43 10.65 -15.66
N ARG A 333 11.29 9.34 -15.51
CA ARG A 333 12.35 8.40 -16.02
C ARG A 333 12.54 8.49 -17.51
N ILE A 334 11.45 8.74 -18.26
CA ILE A 334 11.65 8.74 -19.72
C ILE A 334 12.25 10.03 -20.27
N GLN A 335 12.32 11.08 -19.47
CA GLN A 335 12.82 12.35 -20.01
C GLN A 335 14.32 12.30 -20.40
N PRO A 336 15.24 11.83 -19.50
CA PRO A 336 15.13 11.48 -18.07
C PRO A 336 15.44 12.73 -17.24
N GLN A 337 14.90 12.78 -16.03
CA GLN A 337 15.18 13.87 -15.12
C GLN A 337 14.85 13.38 -13.70
N TRP A 338 15.45 14.00 -12.69
CA TRP A 338 15.10 13.65 -11.32
C TRP A 338 13.67 14.04 -11.00
N SER A 339 13.00 13.22 -10.21
CA SER A 339 11.69 13.62 -9.65
C SER A 339 11.90 14.57 -8.47
N LEU A 340 12.96 14.31 -7.69
CA LEU A 340 13.22 15.07 -6.45
C LEU A 340 14.64 15.60 -6.47
N PRO A 341 14.89 16.64 -7.28
CA PRO A 341 16.28 17.13 -7.38
C PRO A 341 16.85 17.63 -6.04
N THR A 342 16.06 18.17 -5.11
CA THR A 342 16.70 18.65 -3.89
C THR A 342 17.12 17.46 -3.00
N VAL A 343 16.39 16.35 -3.08
CA VAL A 343 16.80 15.16 -2.32
C VAL A 343 18.12 14.63 -2.88
N VAL A 344 18.19 14.54 -4.21
CA VAL A 344 19.42 14.07 -4.86
C VAL A 344 20.61 14.98 -4.57
N GLU A 345 20.39 16.29 -4.61
CA GLU A 345 21.46 17.24 -4.29
C GLU A 345 22.00 17.05 -2.86
N ALA A 346 21.11 16.86 -1.90
CA ALA A 346 21.52 16.58 -0.51
C ALA A 346 22.34 15.28 -0.46
N MET A 347 21.92 14.26 -1.21
CA MET A 347 22.67 12.99 -1.23
C MET A 347 24.07 13.15 -1.82
N GLN A 348 24.16 13.86 -2.93
CA GLN A 348 25.43 14.08 -3.59
C GLN A 348 26.40 14.87 -2.69
N GLU A 349 25.89 15.91 -2.03
CA GLU A 349 26.74 16.68 -1.12
C GLU A 349 27.22 15.85 0.07
N ALA A 350 26.35 15.04 0.62
CA ALA A 350 26.70 14.19 1.76
C ALA A 350 27.74 13.16 1.37
N TYR A 351 27.59 12.58 0.18
CA TYR A 351 28.47 11.51 -0.24
C TYR A 351 29.86 12.06 -0.57
N ASN A 352 29.91 13.24 -1.17
CA ASN A 352 31.18 13.74 -1.72
C ASN A 352 31.98 14.66 -0.80
N ASN A 353 31.32 15.32 0.15
CA ASN A 353 32.06 16.27 1.01
C ASN A 353 32.73 15.65 2.24
N ALA B 6 -30.95 20.65 16.09
CA ALA B 6 -31.69 20.28 14.88
C ALA B 6 -32.70 19.18 15.19
N THR B 7 -33.98 19.43 14.88
CA THR B 7 -35.04 18.47 15.13
C THR B 7 -35.02 17.29 14.17
N TYR B 8 -35.04 16.08 14.70
CA TYR B 8 -35.07 14.89 13.86
C TYR B 8 -36.35 14.86 13.00
N MET B 9 -36.20 14.67 11.68
CA MET B 9 -37.34 14.48 10.80
C MET B 9 -37.13 13.23 9.96
N GLU B 10 -37.87 12.17 10.27
CA GLU B 10 -37.72 10.88 9.57
C GLU B 10 -37.74 11.06 8.06
N GLU B 11 -36.77 10.46 7.37
CA GLU B 11 -36.68 10.57 5.91
C GLU B 11 -36.40 9.18 5.32
N SER B 12 -36.98 8.83 4.17
CA SER B 12 -36.72 7.49 3.63
C SER B 12 -35.28 7.36 3.13
N ALA B 13 -34.81 6.12 3.00
CA ALA B 13 -33.46 5.88 2.51
C ALA B 13 -33.27 6.49 1.12
N GLN B 14 -34.26 6.31 0.24
CA GLN B 14 -34.11 6.83 -1.11
C GLN B 14 -34.02 8.34 -1.09
N SER B 15 -34.84 8.97 -0.26
CA SER B 15 -34.83 10.42 -0.17
CA SER B 15 -34.83 10.42 -0.17
C SER B 15 -33.44 10.90 0.26
N ALA B 16 -32.85 10.20 1.22
CA ALA B 16 -31.54 10.61 1.72
C ALA B 16 -30.50 10.52 0.62
N VAL B 17 -30.46 9.36 -0.04
CA VAL B 17 -29.50 9.12 -1.12
C VAL B 17 -29.67 10.17 -2.21
N ASP B 18 -30.91 10.50 -2.51
CA ASP B 18 -31.21 11.53 -3.51
C ASP B 18 -30.71 12.91 -3.11
N ASN B 19 -30.60 13.14 -1.79
CA ASN B 19 -30.14 14.41 -1.26
C ASN B 19 -28.61 14.46 -1.00
N PHE B 20 -27.93 13.32 -1.07
CA PHE B 20 -26.47 13.31 -0.81
C PHE B 20 -25.71 14.22 -1.77
N GLY B 21 -26.13 14.22 -3.03
CA GLY B 21 -25.39 14.93 -4.06
C GLY B 21 -23.95 14.44 -4.20
N LEU B 22 -23.01 15.38 -4.34
CA LEU B 22 -21.60 14.99 -4.40
C LEU B 22 -21.09 14.69 -3.01
N GLY B 23 -20.43 13.52 -2.86
CA GLY B 23 -19.95 13.09 -1.56
C GLY B 23 -18.43 12.97 -1.58
N PHE B 24 -17.85 13.06 -0.39
CA PHE B 24 -16.40 12.94 -0.20
C PHE B 24 -16.08 12.07 1.00
N ASN B 25 -15.03 11.24 0.87
CA ASN B 25 -14.50 10.46 1.97
C ASN B 25 -13.36 11.16 2.68
N LEU B 26 -13.52 11.41 3.97
CA LEU B 26 -12.46 11.94 4.84
C LEU B 26 -11.53 10.79 5.19
N GLY B 27 -10.83 10.25 4.19
CA GLY B 27 -10.06 9.02 4.34
C GLY B 27 -8.71 9.20 5.00
N ASN B 28 -8.16 8.06 5.49
CA ASN B 28 -6.85 8.00 6.17
C ASN B 28 -6.79 9.00 7.34
N THR B 29 -7.92 9.19 7.97
CA THR B 29 -8.04 10.17 9.05
C THR B 29 -8.45 9.45 10.36
N LEU B 30 -9.74 9.42 10.74
CA LEU B 30 -10.09 8.65 11.95
C LEU B 30 -9.99 7.12 11.68
N ASP B 31 -9.84 6.74 10.40
CA ASP B 31 -9.63 5.34 10.05
C ASP B 31 -8.14 4.93 10.18
N ALA B 32 -7.25 5.91 10.29
CA ALA B 32 -5.82 5.62 10.47
C ALA B 32 -5.64 4.84 11.77
N ASN B 33 -4.68 3.95 11.80
CA ASN B 33 -4.54 3.06 12.95
C ASN B 33 -3.18 2.37 12.92
N GLY B 34 -2.77 1.86 14.09
CA GLY B 34 -1.56 1.06 14.16
C GLY B 34 -0.51 1.55 15.13
N CYS B 35 -0.75 2.69 15.77
CA CYS B 35 0.22 3.24 16.69
C CYS B 35 0.15 2.65 18.10
N GLY B 36 -0.85 1.81 18.35
CA GLY B 36 -1.04 1.21 19.65
C GLY B 36 -2.16 1.86 20.43
N THR B 37 -2.45 1.28 21.60
CA THR B 37 -3.51 1.78 22.45
C THR B 37 -3.01 2.93 23.32
N GLY B 38 -3.94 3.70 23.87
CA GLY B 38 -3.60 4.66 24.90
C GLY B 38 -2.88 5.92 24.46
N LYS B 39 -2.84 6.19 23.15
CA LYS B 39 -2.18 7.40 22.66
C LYS B 39 -3.13 8.61 22.64
N PRO B 40 -2.58 9.84 22.56
CA PRO B 40 -3.44 11.02 22.36
C PRO B 40 -4.25 10.87 21.07
N VAL B 41 -5.45 11.42 21.04
CA VAL B 41 -6.31 11.21 19.86
C VAL B 41 -5.63 11.61 18.54
N ALA B 42 -4.95 12.75 18.54
CA ALA B 42 -4.33 13.27 17.32
C ALA B 42 -3.27 12.30 16.77
N THR B 43 -2.69 11.49 17.65
CA THR B 43 -1.67 10.51 17.22
C THR B 43 -2.30 9.54 16.24
N TYR B 44 -3.58 9.19 16.45
CA TYR B 44 -4.29 8.34 15.48
C TYR B 44 -4.66 9.14 14.26
N GLU B 45 -5.32 10.27 14.48
CA GLU B 45 -5.90 11.05 13.37
C GLU B 45 -4.86 11.49 12.35
N THR B 46 -3.62 11.70 12.80
CA THR B 46 -2.59 12.20 11.89
C THR B 46 -1.55 11.11 11.53
N PHE B 47 -1.81 9.87 11.97
CA PHE B 47 -0.84 8.77 11.84
C PHE B 47 -0.55 8.45 10.40
N TRP B 48 -1.50 8.72 9.51
CA TRP B 48 -1.29 8.40 8.10
C TRP B 48 -1.16 9.67 7.23
N GLY B 49 -0.72 10.76 7.85
CA GLY B 49 -0.30 11.93 7.12
C GLY B 49 -1.40 12.94 6.84
N GLN B 50 -2.57 12.77 7.42
CA GLN B 50 -3.60 13.80 7.24
C GLN B 50 -3.56 14.79 8.43
N PRO B 51 -4.02 16.03 8.22
CA PRO B 51 -4.09 16.99 9.33
C PRO B 51 -5.26 16.68 10.24
N GLU B 52 -5.24 17.24 11.45
CA GLU B 52 -6.45 17.14 12.25
C GLU B 52 -7.64 17.89 11.58
N THR B 53 -8.81 17.26 11.62
CA THR B 53 -10.01 17.78 10.99
C THR B 53 -10.54 18.99 11.75
N THR B 54 -11.01 19.99 11.00
CA THR B 54 -11.54 21.21 11.58
C THR B 54 -12.90 21.52 10.99
N GLN B 55 -13.64 22.41 11.65
CA GLN B 55 -14.93 22.91 11.14
C GLN B 55 -14.80 23.50 9.74
N ASP B 56 -13.73 24.27 9.53
CA ASP B 56 -13.50 24.94 8.26
C ASP B 56 -13.49 23.96 7.09
N MET B 57 -13.05 22.74 7.36
CA MET B 57 -13.00 21.74 6.29
C MET B 57 -14.38 21.34 5.82
N MET B 58 -15.27 21.14 6.79
CA MET B 58 -16.63 20.72 6.46
C MET B 58 -17.38 21.88 5.78
N THR B 59 -17.16 23.08 6.28
CA THR B 59 -17.76 24.27 5.68
C THR B 59 -17.31 24.40 4.23
N PHE B 60 -16.02 24.15 3.99
CA PHE B 60 -15.50 24.23 2.63
C PHE B 60 -16.26 23.27 1.69
N LEU B 61 -16.44 22.03 2.14
CA LEU B 61 -17.18 21.08 1.30
C LEU B 61 -18.58 21.63 0.96
N MET B 62 -19.30 22.09 1.99
CA MET B 62 -20.66 22.58 1.76
CA MET B 62 -20.65 22.62 1.80
C MET B 62 -20.66 23.80 0.83
N GLN B 63 -19.71 24.70 1.02
CA GLN B 63 -19.67 25.92 0.20
C GLN B 63 -19.20 25.66 -1.22
N ASN B 64 -18.71 24.46 -1.47
CA ASN B 64 -18.17 24.15 -2.79
C ASN B 64 -18.85 22.95 -3.50
N GLY B 65 -20.15 22.83 -3.28
CA GLY B 65 -21.00 21.97 -4.09
C GLY B 65 -21.09 20.52 -3.62
N PHE B 66 -20.61 20.24 -2.40
CA PHE B 66 -20.76 18.87 -1.87
C PHE B 66 -21.82 18.86 -0.77
N ASN B 67 -22.63 17.81 -0.69
CA ASN B 67 -23.65 17.71 0.33
CA ASN B 67 -23.65 17.76 0.39
C ASN B 67 -23.54 16.51 1.28
N ALA B 68 -22.49 15.69 1.12
CA ALA B 68 -22.34 14.54 2.01
C ALA B 68 -20.88 14.19 2.23
N VAL B 69 -20.58 13.73 3.43
CA VAL B 69 -19.22 13.32 3.73
C VAL B 69 -19.26 11.99 4.45
N ARG B 70 -18.41 11.08 4.03
CA ARG B 70 -18.26 9.82 4.72
C ARG B 70 -17.05 9.92 5.65
N ILE B 71 -17.24 9.49 6.90
CA ILE B 71 -16.25 9.61 7.96
C ILE B 71 -15.84 8.21 8.41
N PRO B 72 -14.85 7.62 7.75
CA PRO B 72 -14.38 6.28 8.14
C PRO B 72 -13.79 6.36 9.52
N VAL B 73 -14.09 5.40 10.38
CA VAL B 73 -13.52 5.37 11.71
C VAL B 73 -13.03 3.97 12.01
N THR B 74 -11.79 3.84 12.48
CA THR B 74 -11.28 2.53 12.92
C THR B 74 -11.30 2.52 14.46
N TRP B 75 -11.88 1.48 15.04
CA TRP B 75 -12.21 1.50 16.49
C TRP B 75 -11.32 0.67 17.41
N TYR B 76 -10.67 -0.36 16.87
CA TYR B 76 -10.07 -1.39 17.74
C TYR B 76 -9.01 -0.86 18.74
N GLU B 77 -8.21 0.13 18.37
CA GLU B 77 -7.21 0.64 19.34
C GLU B 77 -7.84 1.50 20.44
N HIS B 78 -9.15 1.75 20.33
CA HIS B 78 -9.90 2.62 21.23
C HIS B 78 -10.88 1.84 22.08
N MET B 79 -10.75 0.52 22.04
CA MET B 79 -11.59 -0.36 22.84
C MET B 79 -10.75 -1.07 23.89
N ASP B 80 -11.24 -1.12 25.14
CA ASP B 80 -10.52 -1.85 26.18
C ASP B 80 -10.84 -3.35 26.05
N ALA B 81 -10.33 -4.14 27.01
CA ALA B 81 -10.48 -5.58 26.93
C ALA B 81 -11.96 -5.98 26.86
N GLU B 82 -12.80 -5.21 27.52
CA GLU B 82 -14.21 -5.52 27.61
C GLU B 82 -15.00 -4.95 26.45
N GLY B 83 -14.35 -4.25 25.52
CA GLY B 83 -15.05 -3.71 24.36
C GLY B 83 -15.64 -2.29 24.53
N ASN B 84 -15.31 -1.65 25.66
CA ASN B 84 -15.72 -0.27 25.92
C ASN B 84 -14.88 0.73 25.12
N VAL B 85 -15.55 1.65 24.42
CA VAL B 85 -14.83 2.65 23.62
C VAL B 85 -14.32 3.80 24.48
N ASP B 86 -13.04 4.11 24.32
CA ASP B 86 -12.41 5.24 25.04
CA ASP B 86 -12.41 5.22 25.03
C ASP B 86 -13.24 6.51 24.90
N GLU B 87 -13.48 7.18 26.02
CA GLU B 87 -14.29 8.38 25.95
C GLU B 87 -13.67 9.47 25.06
N ALA B 88 -12.35 9.67 25.13
CA ALA B 88 -11.72 10.70 24.29
C ALA B 88 -11.95 10.47 22.80
N TRP B 89 -11.89 9.19 22.40
CA TRP B 89 -12.11 8.83 21.00
C TRP B 89 -13.55 9.08 20.57
N MET B 90 -14.51 8.63 21.37
CA MET B 90 -15.90 8.80 20.97
C MET B 90 -16.21 10.28 20.87
N MET B 91 -15.65 11.09 21.78
CA MET B 91 -15.89 12.52 21.72
CA MET B 91 -15.86 12.54 21.74
C MET B 91 -15.36 13.16 20.44
N ARG B 92 -14.24 12.65 19.93
CA ARG B 92 -13.68 13.19 18.71
C ARG B 92 -14.53 12.81 17.50
N VAL B 93 -15.03 11.57 17.51
CA VAL B 93 -15.95 11.14 16.44
C VAL B 93 -17.17 12.08 16.45
N LYS B 94 -17.69 12.32 17.64
CA LYS B 94 -18.81 13.22 17.85
C LYS B 94 -18.47 14.64 17.38
N ALA B 95 -17.27 15.12 17.70
CA ALA B 95 -16.88 16.49 17.29
C ALA B 95 -16.88 16.66 15.76
N ILE B 96 -16.31 15.69 15.06
CA ILE B 96 -16.26 15.76 13.59
C ILE B 96 -17.65 15.59 12.97
N VAL B 97 -18.44 14.68 13.52
CA VAL B 97 -19.84 14.60 13.11
C VAL B 97 -20.51 15.97 13.28
N GLU B 98 -20.33 16.59 14.44
CA GLU B 98 -20.92 17.90 14.64
C GLU B 98 -20.39 18.96 13.65
N TYR B 99 -19.10 18.96 13.32
CA TYR B 99 -18.60 19.87 12.24
C TYR B 99 -19.44 19.67 10.98
N ALA B 100 -19.71 18.42 10.63
CA ALA B 100 -20.45 18.12 9.40
C ALA B 100 -21.91 18.58 9.53
N MET B 101 -22.52 18.30 10.67
CA MET B 101 -23.90 18.72 10.87
C MET B 101 -24.00 20.24 10.79
N ASN B 102 -23.07 20.94 11.43
CA ASN B 102 -23.05 22.41 11.43
C ASN B 102 -23.00 22.96 10.00
N ALA B 103 -22.25 22.27 9.14
CA ALA B 103 -22.07 22.69 7.77
C ALA B 103 -23.26 22.32 6.89
N GLY B 104 -24.23 21.61 7.45
CA GLY B 104 -25.42 21.25 6.68
C GLY B 104 -25.22 20.03 5.78
N LEU B 105 -24.19 19.24 6.05
CA LEU B 105 -23.92 18.01 5.29
C LEU B 105 -24.67 16.79 5.81
N TYR B 106 -24.90 15.81 4.92
CA TYR B 106 -25.14 14.43 5.37
C TYR B 106 -23.79 13.87 5.81
N ALA B 107 -23.78 12.98 6.81
CA ALA B 107 -22.53 12.36 7.25
C ALA B 107 -22.77 10.89 7.50
N ILE B 108 -21.77 10.07 7.19
CA ILE B 108 -21.78 8.63 7.47
C ILE B 108 -20.62 8.29 8.41
N VAL B 109 -20.94 7.62 9.51
CA VAL B 109 -19.95 7.08 10.42
C VAL B 109 -19.99 5.56 10.28
N ASN B 110 -18.83 4.94 10.10
CA ASN B 110 -18.77 3.50 9.94
C ASN B 110 -17.78 2.85 10.93
N VAL B 111 -17.56 1.56 10.70
CA VAL B 111 -16.55 0.78 11.36
C VAL B 111 -15.62 0.32 10.22
N HIS B 112 -14.38 0.83 10.17
CA HIS B 112 -13.60 0.78 8.94
C HIS B 112 -12.51 -0.31 8.98
N HIS B 113 -11.31 0.02 9.45
CA HIS B 113 -10.21 -0.97 9.34
C HIS B 113 -10.25 -2.00 10.46
N ASP B 114 -11.37 -2.01 11.17
CA ASP B 114 -11.73 -3.17 11.98
C ASP B 114 -12.09 -4.33 11.06
N THR B 115 -12.28 -4.02 9.77
CA THR B 115 -12.44 -5.04 8.73
C THR B 115 -11.27 -5.01 7.77
N ALA B 116 -11.17 -6.10 7.02
CA ALA B 116 -10.30 -6.32 5.85
C ALA B 116 -8.92 -6.89 6.20
N ALA B 117 -7.93 -6.48 5.44
CA ALA B 117 -6.67 -7.23 5.38
C ALA B 117 -5.58 -6.65 6.28
N GLY B 118 -5.88 -5.58 7.01
CA GLY B 118 -4.90 -4.95 7.86
C GLY B 118 -4.68 -5.67 9.17
N SER B 119 -3.56 -5.40 9.83
CA SER B 119 -3.37 -5.98 11.14
C SER B 119 -4.42 -5.36 12.06
N GLY B 120 -4.94 -6.13 12.98
CA GLY B 120 -5.92 -5.52 13.85
C GLY B 120 -7.34 -5.70 13.39
N ALA B 121 -7.58 -6.00 12.11
CA ALA B 121 -8.95 -6.32 11.70
C ALA B 121 -9.45 -7.51 12.52
N TRP B 122 -10.67 -7.44 13.03
CA TRP B 122 -11.21 -8.49 13.88
C TRP B 122 -12.63 -8.90 13.47
N ILE B 123 -13.21 -8.14 12.54
CA ILE B 123 -14.53 -8.44 11.98
C ILE B 123 -14.29 -9.14 10.63
N LYS B 124 -14.62 -10.44 10.55
CA LYS B 124 -14.33 -11.21 9.32
C LYS B 124 -15.50 -12.13 8.92
N ALA B 125 -15.69 -12.27 7.60
CA ALA B 125 -16.74 -13.13 7.05
C ALA B 125 -16.30 -14.58 7.22
N ASP B 126 -16.40 -15.08 8.45
CA ASP B 126 -15.85 -16.38 8.85
C ASP B 126 -16.63 -16.86 10.02
N THR B 127 -17.12 -18.11 9.97
CA THR B 127 -18.03 -18.58 11.00
C THR B 127 -17.46 -18.52 12.42
N ASP B 128 -16.22 -18.93 12.57
CA ASP B 128 -15.53 -18.87 13.86
C ASP B 128 -15.30 -17.46 14.34
N VAL B 129 -14.80 -16.60 13.46
CA VAL B 129 -14.59 -15.23 13.87
C VAL B 129 -15.90 -14.61 14.27
N TYR B 130 -16.93 -14.82 13.45
CA TYR B 130 -18.24 -14.27 13.78
C TYR B 130 -18.72 -14.72 15.16
N ALA B 131 -18.60 -16.01 15.44
CA ALA B 131 -19.04 -16.50 16.75
C ALA B 131 -18.25 -15.81 17.87
N ALA B 132 -16.96 -15.63 17.66
CA ALA B 132 -16.07 -15.05 18.68
C ALA B 132 -16.27 -13.55 18.90
N THR B 133 -16.80 -12.83 17.90
CA THR B 133 -16.82 -11.38 17.95
C THR B 133 -18.21 -10.74 17.90
N LYS B 134 -19.24 -11.54 17.63
CA LYS B 134 -20.58 -10.98 17.43
C LYS B 134 -21.03 -10.13 18.61
N GLU B 135 -20.77 -10.55 19.85
CA GLU B 135 -21.20 -9.73 20.99
C GLU B 135 -20.38 -8.42 21.14
N LYS B 136 -19.08 -8.51 20.91
CA LYS B 136 -18.21 -7.33 20.89
C LYS B 136 -18.68 -6.35 19.82
N PHE B 137 -19.01 -6.90 18.66
CA PHE B 137 -19.52 -6.08 17.55
C PHE B 137 -20.85 -5.39 17.95
N LYS B 138 -21.79 -6.12 18.54
CA LYS B 138 -23.05 -5.50 18.93
C LYS B 138 -22.85 -4.46 20.07
N LYS B 139 -21.93 -4.76 20.97
CA LYS B 139 -21.63 -3.85 22.05
C LYS B 139 -20.99 -2.56 21.50
N LEU B 140 -20.11 -2.73 20.53
CA LEU B 140 -19.52 -1.57 19.83
C LEU B 140 -20.63 -0.70 19.20
N TRP B 141 -21.54 -1.33 18.45
CA TRP B 141 -22.58 -0.52 17.83
C TRP B 141 -23.57 0.08 18.82
N THR B 142 -23.82 -0.58 19.95
CA THR B 142 -24.68 0.00 20.95
C THR B 142 -24.09 1.31 21.47
N GLN B 143 -22.78 1.27 21.74
CA GLN B 143 -22.10 2.47 22.22
C GLN B 143 -22.11 3.60 21.16
N ILE B 144 -21.78 3.28 19.93
CA ILE B 144 -21.81 4.30 18.89
C ILE B 144 -23.22 4.89 18.73
N ALA B 145 -24.22 4.02 18.60
CA ALA B 145 -25.60 4.47 18.42
C ALA B 145 -26.05 5.33 19.59
N ASN B 146 -25.72 4.91 20.81
CA ASN B 146 -26.08 5.73 21.97
C ASN B 146 -25.36 7.06 21.97
N ALA B 147 -24.07 7.07 21.62
CA ALA B 147 -23.30 8.31 21.63
C ALA B 147 -23.81 9.30 20.58
N LEU B 148 -24.21 8.78 19.42
CA LEU B 148 -24.60 9.63 18.32
C LEU B 148 -26.12 9.74 18.16
N ALA B 149 -26.87 9.27 19.15
CA ALA B 149 -28.34 9.19 19.06
C ALA B 149 -29.10 10.51 18.79
N ASP B 150 -28.58 11.61 19.30
CA ASP B 150 -29.32 12.86 19.29
C ASP B 150 -29.17 13.61 17.98
N TYR B 151 -28.29 13.17 17.09
CA TYR B 151 -28.17 13.88 15.80
C TYR B 151 -29.34 13.56 14.90
N ASP B 152 -29.67 14.51 14.02
CA ASP B 152 -30.88 14.38 13.17
C ASP B 152 -30.59 13.40 12.01
N GLN B 153 -31.51 13.40 11.03
CA GLN B 153 -31.51 12.38 9.97
C GLN B 153 -30.36 12.54 8.99
N HIS B 154 -29.62 13.65 9.13
CA HIS B 154 -28.46 13.88 8.26
C HIS B 154 -27.31 12.95 8.64
N LEU B 155 -27.37 12.36 9.82
CA LEU B 155 -26.34 11.38 10.21
C LEU B 155 -26.82 9.96 9.95
N LEU B 156 -26.01 9.17 9.22
CA LEU B 156 -26.30 7.74 8.98
C LEU B 156 -25.18 6.88 9.55
N PHE B 157 -25.51 5.64 9.91
CA PHE B 157 -24.51 4.70 10.43
C PHE B 157 -24.27 3.63 9.38
N GLU B 158 -23.01 3.24 9.20
CA GLU B 158 -22.60 2.17 8.31
C GLU B 158 -21.93 1.05 9.10
N GLY B 159 -22.52 -0.14 9.10
CA GLY B 159 -22.13 -1.20 10.03
C GLY B 159 -20.70 -1.68 9.95
N TYR B 160 -20.18 -1.80 8.74
CA TYR B 160 -18.81 -2.32 8.56
C TYR B 160 -18.36 -1.99 7.12
N ASN B 161 -17.06 -1.90 6.92
CA ASN B 161 -16.53 -1.37 5.65
C ASN B 161 -16.32 -2.43 4.57
N GLU B 162 -15.20 -3.13 4.63
CA GLU B 162 -14.84 -4.11 3.61
C GLU B 162 -14.51 -5.45 4.27
N MET B 163 -15.58 -6.17 4.63
CA MET B 163 -15.44 -7.46 5.32
C MET B 163 -14.94 -8.53 4.37
N LEU B 164 -13.85 -9.19 4.76
CA LEU B 164 -13.27 -10.27 3.99
C LEU B 164 -13.27 -11.57 4.82
N ASP B 165 -13.02 -12.71 4.18
CA ASP B 165 -12.95 -13.94 4.95
C ASP B 165 -11.57 -14.02 5.64
N GLY B 166 -11.29 -15.14 6.30
CA GLY B 166 -10.07 -15.30 7.05
C GLY B 166 -8.81 -15.33 6.21
N ASN B 167 -8.97 -15.52 4.90
CA ASN B 167 -7.81 -15.46 4.02
C ASN B 167 -7.68 -14.10 3.31
N ASN B 168 -8.46 -13.12 3.75
CA ASN B 168 -8.41 -11.80 3.13
C ASN B 168 -8.64 -11.89 1.61
N SER B 169 -9.62 -12.69 1.23
CA SER B 169 -9.95 -12.88 -0.19
C SER B 169 -10.73 -11.72 -0.75
N TRP B 170 -10.09 -10.94 -1.62
CA TRP B 170 -10.84 -9.89 -2.28
C TRP B 170 -11.77 -10.52 -3.32
N ASP B 171 -12.75 -9.75 -3.75
CA ASP B 171 -13.70 -10.14 -4.80
C ASP B 171 -14.73 -11.13 -4.31
N GLU B 172 -14.33 -12.28 -3.79
CA GLU B 172 -15.33 -13.14 -3.13
C GLU B 172 -14.72 -14.13 -2.13
N PRO B 173 -15.54 -14.59 -1.17
CA PRO B 173 -14.98 -15.49 -0.17
C PRO B 173 -14.67 -16.85 -0.78
N GLN B 174 -13.69 -17.54 -0.20
CA GLN B 174 -13.33 -18.88 -0.61
C GLN B 174 -14.43 -19.88 -0.31
N LYS B 175 -15.09 -19.71 0.83
CA LYS B 175 -16.20 -20.57 1.23
C LYS B 175 -17.49 -19.79 1.28
N ALA B 176 -18.60 -20.45 0.92
CA ALA B 176 -19.92 -19.82 0.91
C ALA B 176 -20.40 -19.44 2.30
N SER B 177 -19.86 -20.11 3.32
CA SER B 177 -20.25 -19.82 4.70
C SER B 177 -19.81 -18.39 5.09
N GLY B 178 -18.81 -17.88 4.37
CA GLY B 178 -18.40 -16.50 4.52
C GLY B 178 -19.57 -15.54 4.30
N TYR B 179 -20.43 -15.82 3.30
CA TYR B 179 -21.60 -14.96 3.09
C TYR B 179 -22.53 -15.00 4.28
N GLU B 180 -22.65 -16.18 4.90
CA GLU B 180 -23.59 -16.30 6.00
C GLU B 180 -23.10 -15.52 7.21
N ALA B 181 -21.77 -15.54 7.41
CA ALA B 181 -21.17 -14.78 8.49
C ALA B 181 -21.41 -13.27 8.26
N LEU B 182 -21.14 -12.78 7.04
CA LEU B 182 -21.40 -11.36 6.74
C LEU B 182 -22.86 -10.98 6.96
N ASN B 183 -23.79 -11.77 6.42
CA ASN B 183 -25.21 -11.48 6.54
C ASN B 183 -25.63 -11.45 8.01
N ASN B 184 -25.02 -12.28 8.83
CA ASN B 184 -25.31 -12.29 10.27
C ASN B 184 -24.84 -11.01 10.96
N TYR B 185 -23.61 -10.61 10.66
CA TYR B 185 -23.11 -9.33 11.16
C TYR B 185 -24.07 -8.17 10.78
N ALA B 186 -24.51 -8.16 9.51
CA ALA B 186 -25.38 -7.09 9.04
C ALA B 186 -26.66 -7.04 9.85
N GLN B 187 -27.25 -8.21 10.12
CA GLN B 187 -28.46 -8.27 10.95
C GLN B 187 -28.14 -7.78 12.38
N ASP B 188 -26.98 -8.19 12.90
CA ASP B 188 -26.65 -7.83 14.27
C ASP B 188 -26.50 -6.33 14.40
N PHE B 189 -25.85 -5.73 13.38
CA PHE B 189 -25.70 -4.27 13.29
C PHE B 189 -27.07 -3.59 13.32
N VAL B 190 -27.96 -3.98 12.42
CA VAL B 190 -29.29 -3.34 12.43
C VAL B 190 -30.03 -3.52 13.77
N ASP B 191 -30.02 -4.75 14.27
CA ASP B 191 -30.64 -5.04 15.55
C ASP B 191 -30.07 -4.15 16.68
N ALA B 192 -28.75 -4.10 16.81
CA ALA B 192 -28.14 -3.34 17.90
C ALA B 192 -28.48 -1.85 17.80
N VAL B 193 -28.43 -1.29 16.60
CA VAL B 193 -28.75 0.13 16.48
C VAL B 193 -30.22 0.39 16.80
N ARG B 194 -31.13 -0.37 16.21
CA ARG B 194 -32.56 -0.14 16.42
C ARG B 194 -32.94 -0.28 17.89
N ALA B 195 -32.26 -1.16 18.60
CA ALA B 195 -32.61 -1.43 20.00
C ALA B 195 -32.36 -0.21 20.92
N THR B 196 -31.53 0.73 20.50
CA THR B 196 -31.26 1.94 21.31
C THR B 196 -32.42 2.94 21.23
N GLY B 197 -33.36 2.72 20.31
CA GLY B 197 -34.55 3.55 20.23
C GLY B 197 -34.35 5.01 19.89
N GLY B 198 -35.33 5.85 20.21
CA GLY B 198 -35.21 7.26 19.87
C GLY B 198 -35.05 7.44 18.36
N ASN B 199 -34.24 8.40 17.94
CA ASN B 199 -34.01 8.64 16.51
C ASN B 199 -33.47 7.39 15.80
N ASN B 200 -32.74 6.55 16.54
CA ASN B 200 -32.16 5.35 15.96
C ASN B 200 -33.21 4.31 15.58
N ALA B 201 -34.45 4.50 16.04
CA ALA B 201 -35.54 3.61 15.62
C ALA B 201 -35.77 3.71 14.12
N THR B 202 -35.51 4.88 13.55
CA THR B 202 -35.79 5.11 12.13
C THR B 202 -34.64 5.71 11.33
N ARG B 203 -33.47 5.83 11.94
CA ARG B 203 -32.29 6.36 11.23
C ARG B 203 -31.94 5.50 10.03
N ASN B 204 -31.49 6.13 8.95
CA ASN B 204 -31.08 5.37 7.80
C ASN B 204 -29.73 4.71 8.05
N LEU B 205 -29.67 3.41 7.78
CA LEU B 205 -28.48 2.62 8.05
C LEU B 205 -27.92 2.03 6.75
N ILE B 206 -26.61 1.83 6.72
CA ILE B 206 -25.98 1.37 5.51
C ILE B 206 -25.32 0.03 5.73
N VAL B 207 -25.63 -0.92 4.85
CA VAL B 207 -24.98 -2.23 4.94
CA VAL B 207 -25.04 -2.24 4.93
C VAL B 207 -24.21 -2.51 3.68
N ASN B 208 -22.99 -3.00 3.86
CA ASN B 208 -22.10 -3.24 2.71
C ASN B 208 -22.07 -4.70 2.29
N THR B 209 -21.78 -4.92 1.02
CA THR B 209 -21.60 -6.26 0.48
C THR B 209 -20.25 -6.87 0.90
N TYR B 210 -20.07 -8.18 0.67
CA TYR B 210 -18.74 -8.79 0.88
C TYR B 210 -17.69 -7.98 0.13
N ALA B 211 -16.62 -7.56 0.84
CA ALA B 211 -15.49 -6.79 0.28
C ALA B 211 -15.93 -5.42 -0.31
N ALA B 212 -17.18 -5.04 -0.07
CA ALA B 212 -17.78 -3.93 -0.80
C ALA B 212 -17.67 -4.18 -2.32
N ALA B 213 -17.74 -5.46 -2.73
CA ALA B 213 -17.60 -5.81 -4.14
C ALA B 213 -18.97 -5.92 -4.77
N LYS B 214 -19.01 -6.20 -6.08
CA LYS B 214 -20.24 -6.06 -6.88
C LYS B 214 -20.42 -7.21 -7.89
N GLY B 215 -19.59 -8.24 -7.81
CA GLY B 215 -19.70 -9.37 -8.72
C GLY B 215 -20.98 -10.13 -8.52
N GLU B 216 -21.27 -11.05 -9.43
CA GLU B 216 -22.57 -11.71 -9.43
C GLU B 216 -22.82 -12.55 -8.17
N ASN B 217 -21.81 -13.30 -7.73
CA ASN B 217 -22.00 -14.13 -6.55
C ASN B 217 -22.16 -13.30 -5.27
N VAL B 218 -21.40 -12.22 -5.16
CA VAL B 218 -21.45 -11.35 -3.98
C VAL B 218 -22.81 -10.73 -3.90
N LEU B 219 -23.35 -10.30 -5.04
CA LEU B 219 -24.71 -9.75 -5.01
C LEU B 219 -25.73 -10.83 -4.72
N ASN B 220 -25.60 -11.98 -5.38
CA ASN B 220 -26.62 -13.02 -5.19
C ASN B 220 -26.68 -13.53 -3.76
N ASN B 221 -25.53 -13.56 -3.10
CA ASN B 221 -25.47 -14.09 -1.75
C ASN B 221 -25.51 -13.05 -0.67
N PHE B 222 -25.77 -11.81 -1.06
CA PHE B 222 -26.00 -10.76 -0.08
C PHE B 222 -27.42 -10.80 0.37
N MET B 223 -27.64 -10.83 1.68
CA MET B 223 -29.00 -10.81 2.22
C MET B 223 -29.27 -9.55 3.03
N LEU B 224 -30.21 -8.73 2.61
CA LEU B 224 -30.55 -7.54 3.35
C LEU B 224 -31.14 -7.90 4.71
N PRO B 225 -30.65 -7.27 5.79
CA PRO B 225 -31.19 -7.58 7.13
C PRO B 225 -32.68 -7.29 7.21
N THR B 226 -33.37 -8.05 8.04
CA THR B 226 -34.75 -7.75 8.36
C THR B 226 -34.82 -6.55 9.27
N ASP B 227 -35.71 -5.63 8.95
CA ASP B 227 -35.85 -4.37 9.65
C ASP B 227 -37.31 -4.18 10.00
N ALA B 228 -37.59 -3.79 11.24
CA ALA B 228 -38.98 -3.62 11.68
C ALA B 228 -39.61 -2.36 11.10
N VAL B 229 -38.79 -1.44 10.61
CA VAL B 229 -39.32 -0.23 9.98
C VAL B 229 -39.01 -0.31 8.49
N ASN B 230 -39.73 0.47 7.70
CA ASN B 230 -39.64 0.31 6.26
C ASN B 230 -38.77 1.37 5.66
N ASN B 231 -38.06 0.98 4.61
CA ASN B 231 -37.34 1.94 3.79
C ASN B 231 -36.31 2.77 4.54
N HIS B 232 -35.51 2.13 5.38
CA HIS B 232 -34.45 2.84 6.08
C HIS B 232 -33.13 2.11 6.01
N LEU B 233 -32.93 1.32 4.95
CA LEU B 233 -31.68 0.63 4.71
C LEU B 233 -31.12 1.02 3.35
N ILE B 234 -29.81 1.15 3.29
CA ILE B 234 -29.08 1.48 2.06
C ILE B 234 -28.00 0.44 1.89
N VAL B 235 -27.78 -0.01 0.65
CA VAL B 235 -26.67 -0.93 0.39
C VAL B 235 -25.48 -0.16 -0.18
N GLN B 236 -24.28 -0.56 0.19
CA GLN B 236 -23.07 0.14 -0.27
C GLN B 236 -22.09 -0.81 -0.92
N VAL B 237 -21.55 -0.40 -2.08
CA VAL B 237 -20.39 -1.06 -2.68
C VAL B 237 -19.33 0.01 -2.94
N HIS B 238 -18.12 -0.44 -3.27
CA HIS B 238 -17.01 0.44 -3.64
C HIS B 238 -16.61 0.16 -5.08
N SER B 239 -16.25 1.18 -5.86
CA SER B 239 -15.88 0.90 -7.24
C SER B 239 -14.62 1.64 -7.64
N TYR B 240 -13.55 0.89 -7.92
CA TYR B 240 -12.37 1.50 -8.54
C TYR B 240 -12.13 0.79 -9.89
N ASP B 241 -13.22 0.41 -10.53
CA ASP B 241 -13.20 -0.37 -11.76
C ASP B 241 -13.06 0.51 -12.98
N PRO B 242 -12.47 -0.02 -14.06
CA PRO B 242 -11.81 -1.32 -14.18
C PRO B 242 -10.55 -1.38 -13.31
N TRP B 243 -10.37 -2.46 -12.56
CA TRP B 243 -9.24 -2.54 -11.61
C TRP B 243 -7.92 -2.19 -12.29
N ASN B 244 -7.22 -1.26 -11.68
CA ASN B 244 -5.89 -0.82 -12.09
C ASN B 244 -5.88 0.04 -13.36
N PHE B 245 -7.03 0.58 -13.77
CA PHE B 245 -7.08 1.39 -15.00
C PHE B 245 -6.11 2.58 -14.95
N PHE B 246 -5.84 3.11 -13.74
CA PHE B 246 -5.00 4.32 -13.70
C PHE B 246 -3.57 4.04 -14.18
N ASN B 247 -3.17 2.79 -14.01
CA ASN B 247 -1.83 2.36 -14.44
C ASN B 247 -1.81 1.84 -15.87
N THR B 248 -2.97 1.52 -16.43
CA THR B 248 -2.94 0.84 -17.75
C THR B 248 -3.65 1.55 -18.87
N LYS B 249 -4.54 2.47 -18.52
CA LYS B 249 -5.34 3.18 -19.52
C LYS B 249 -4.81 4.58 -19.76
N THR B 250 -4.86 5.07 -21.00
CA THR B 250 -4.50 6.44 -21.32
CA THR B 250 -4.48 6.46 -21.20
C THR B 250 -5.70 7.38 -21.18
N THR B 251 -6.85 6.89 -21.59
CA THR B 251 -8.09 7.66 -21.51
C THR B 251 -9.22 6.81 -20.92
N TRP B 252 -10.20 7.50 -20.36
CA TRP B 252 -11.43 6.86 -19.86
C TRP B 252 -12.23 6.48 -21.10
N ASP B 253 -11.95 5.29 -21.61
CA ASP B 253 -12.39 4.90 -22.94
C ASP B 253 -13.67 4.08 -22.91
N SER B 254 -14.05 3.49 -24.04
CA SER B 254 -15.30 2.71 -24.12
C SER B 254 -15.38 1.57 -23.14
N GLU B 255 -14.27 0.85 -23.04
CA GLU B 255 -14.19 -0.21 -22.06
C GLU B 255 -14.43 0.28 -20.62
N CYS B 256 -13.80 1.39 -20.24
CA CYS B 256 -14.02 1.93 -18.89
C CYS B 256 -15.48 2.29 -18.69
N HIS B 257 -16.03 3.05 -19.64
CA HIS B 257 -17.43 3.47 -19.55
C HIS B 257 -18.37 2.27 -19.49
N ASN B 258 -18.18 1.30 -20.37
CA ASN B 258 -19.05 0.11 -20.43
C ASN B 258 -18.97 -0.71 -19.16
N THR B 259 -17.78 -0.77 -18.58
CA THR B 259 -17.61 -1.45 -17.29
C THR B 259 -18.50 -0.81 -16.21
N LEU B 260 -18.48 0.53 -16.12
CA LEU B 260 -19.31 1.23 -15.13
C LEU B 260 -20.77 1.08 -15.44
N THR B 261 -21.16 1.22 -16.72
CA THR B 261 -22.59 1.12 -17.01
C THR B 261 -23.09 -0.28 -16.65
N GLU B 262 -22.30 -1.32 -16.93
CA GLU B 262 -22.70 -2.68 -16.54
C GLU B 262 -22.83 -2.82 -15.02
N ILE B 263 -21.92 -2.21 -14.27
CA ILE B 263 -22.00 -2.24 -12.80
C ILE B 263 -23.28 -1.60 -12.29
N PHE B 264 -23.60 -0.42 -12.77
CA PHE B 264 -24.81 0.23 -12.30
C PHE B 264 -26.02 -0.57 -12.73
N SER B 265 -25.98 -1.12 -13.93
CA SER B 265 -27.13 -1.94 -14.34
C SER B 265 -27.34 -3.15 -13.44
N ALA B 266 -26.23 -3.81 -13.07
CA ALA B 266 -26.30 -4.98 -12.21
C ALA B 266 -26.82 -4.60 -10.83
N LEU B 267 -26.32 -3.50 -10.30
CA LEU B 267 -26.77 -3.03 -8.98
C LEU B 267 -28.27 -2.68 -8.99
N SER B 268 -28.69 -1.93 -10.00
CA SER B 268 -30.09 -1.53 -10.08
C SER B 268 -31.03 -2.71 -10.30
N LYS B 269 -30.60 -3.70 -11.05
CA LYS B 269 -31.42 -4.89 -11.25
C LYS B 269 -31.53 -5.69 -9.95
N LYS B 270 -30.40 -5.81 -9.23
CA LYS B 270 -30.37 -6.58 -8.01
C LYS B 270 -31.20 -5.90 -6.94
N PHE B 271 -31.04 -4.60 -6.73
CA PHE B 271 -31.65 -3.97 -5.56
C PHE B 271 -32.96 -3.22 -5.74
N THR B 272 -33.43 -3.10 -6.97
CA THR B 272 -34.70 -2.46 -7.31
C THR B 272 -35.03 -1.26 -6.40
N THR B 273 -35.98 -1.43 -5.47
CA THR B 273 -36.42 -0.31 -4.64
C THR B 273 -35.53 -0.01 -3.42
N ILE B 274 -34.53 -0.84 -3.18
CA ILE B 274 -33.59 -0.55 -2.10
C ILE B 274 -32.52 0.33 -2.73
N PRO B 275 -32.24 1.51 -2.12
CA PRO B 275 -31.20 2.39 -2.64
C PRO B 275 -29.81 1.82 -2.38
N TYR B 276 -28.89 2.12 -3.28
CA TYR B 276 -27.49 1.78 -3.06
C TYR B 276 -26.61 2.98 -3.37
N ILE B 277 -25.42 2.99 -2.77
CA ILE B 277 -24.47 4.06 -3.03
C ILE B 277 -23.12 3.48 -3.41
N ILE B 278 -22.37 4.27 -4.15
CA ILE B 278 -20.98 3.96 -4.40
C ILE B 278 -20.20 4.68 -3.32
N GLY B 279 -19.91 4.00 -2.21
CA GLY B 279 -19.36 4.64 -1.02
C GLY B 279 -17.91 5.07 -1.12
N GLU B 280 -17.19 4.46 -2.07
CA GLU B 280 -15.83 4.86 -2.43
C GLU B 280 -15.64 4.67 -3.95
N TYR B 281 -14.91 5.60 -4.58
CA TYR B 281 -14.37 5.39 -5.93
C TYR B 281 -13.20 6.29 -6.08
N GLY B 282 -12.31 5.95 -7.01
CA GLY B 282 -11.13 6.77 -7.20
C GLY B 282 -10.20 6.07 -8.16
N THR B 283 -9.01 6.63 -8.33
CA THR B 283 -8.07 6.07 -9.29
C THR B 283 -7.15 5.00 -8.67
N HIS B 284 -7.29 4.76 -7.36
CA HIS B 284 -6.35 3.86 -6.66
C HIS B 284 -6.36 2.46 -7.26
N GLY B 285 -5.18 1.97 -7.66
CA GLY B 285 -5.09 0.65 -8.29
C GLY B 285 -4.01 -0.23 -7.65
N GLU B 286 -3.27 -0.95 -8.47
CA GLU B 286 -2.23 -1.84 -7.96
C GLU B 286 -1.23 -1.04 -7.14
N SER B 287 -0.80 -1.66 -6.04
CA SER B 287 0.18 -1.04 -5.14
C SER B 287 -0.30 0.33 -4.64
N ASP B 288 -1.62 0.47 -4.52
CA ASP B 288 -2.31 1.72 -4.18
C ASP B 288 -1.80 3.00 -4.92
N ILE B 289 -1.25 2.84 -6.11
CA ILE B 289 -0.89 3.98 -6.95
C ILE B 289 -2.17 4.75 -7.34
N SER B 290 -2.12 6.08 -7.26
CA SER B 290 -3.29 6.89 -7.57
C SER B 290 -2.86 8.25 -8.09
N VAL B 291 -3.82 8.99 -8.62
CA VAL B 291 -3.55 10.31 -9.19
C VAL B 291 -3.07 11.30 -8.11
N SER B 292 -2.30 12.29 -8.52
CA SER B 292 -2.00 13.38 -7.61
C SER B 292 -1.88 14.64 -8.42
N LYS B 293 -1.77 15.80 -7.76
CA LYS B 293 -1.78 17.05 -8.51
C LYS B 293 -0.53 17.23 -9.35
N SER B 294 0.49 16.40 -9.12
CA SER B 294 1.67 16.47 -10.00
C SER B 294 1.69 15.37 -11.08
N SER B 295 0.62 14.57 -11.19
CA SER B 295 0.48 13.66 -12.33
C SER B 295 0.45 14.46 -13.63
N PRO B 296 0.89 13.86 -14.75
CA PRO B 296 0.75 14.58 -16.02
C PRO B 296 -0.70 14.96 -16.30
N ALA B 297 -0.91 16.02 -17.08
CA ALA B 297 -2.26 16.50 -17.38
C ALA B 297 -3.18 15.41 -17.92
N GLU B 298 -2.66 14.54 -18.79
CA GLU B 298 -3.53 13.50 -19.33
C GLU B 298 -4.03 12.51 -18.26
N LYS B 299 -3.18 12.23 -17.28
CA LYS B 299 -3.58 11.37 -16.17
C LYS B 299 -4.59 12.06 -15.24
N ILE B 300 -4.44 13.36 -15.04
CA ILE B 300 -5.46 14.10 -14.27
C ILE B 300 -6.78 14.07 -15.06
N LYS B 301 -6.70 14.22 -16.38
CA LYS B 301 -7.94 14.15 -17.19
C LYS B 301 -8.61 12.76 -17.09
N LEU B 302 -7.79 11.71 -17.05
CA LEU B 302 -8.34 10.35 -16.84
C LEU B 302 -9.13 10.28 -15.51
N ALA B 303 -8.55 10.80 -14.45
CA ALA B 303 -9.25 10.87 -13.15
C ALA B 303 -10.50 11.73 -13.24
N ALA B 304 -10.41 12.85 -13.94
CA ALA B 304 -11.60 13.73 -14.05
C ALA B 304 -12.76 13.02 -14.79
N ASP B 305 -12.40 12.32 -15.86
CA ASP B 305 -13.39 11.63 -16.70
C ASP B 305 -14.05 10.46 -15.96
N GLN B 306 -13.27 9.71 -15.17
CA GLN B 306 -13.85 8.66 -14.31
C GLN B 306 -14.88 9.29 -13.37
N ALA B 307 -14.47 10.37 -12.71
CA ALA B 307 -15.36 10.98 -11.71
C ALA B 307 -16.63 11.53 -12.34
N ALA B 308 -16.50 12.21 -13.46
CA ALA B 308 -17.67 12.75 -14.19
C ALA B 308 -18.62 11.61 -14.58
N ASP B 309 -18.06 10.50 -15.04
CA ASP B 309 -18.88 9.37 -15.50
C ASP B 309 -19.61 8.75 -14.29
N MET B 310 -18.85 8.51 -13.25
CA MET B 310 -19.37 7.92 -12.01
C MET B 310 -20.52 8.76 -11.44
N VAL B 311 -20.33 10.07 -11.39
CA VAL B 311 -21.33 10.98 -10.80
C VAL B 311 -22.63 10.97 -11.62
N LYS B 312 -22.49 11.05 -12.94
CA LYS B 312 -23.66 11.09 -13.83
C LYS B 312 -24.42 9.76 -13.81
N LEU B 313 -23.70 8.65 -13.96
CA LEU B 313 -24.35 7.34 -13.93
C LEU B 313 -25.06 7.14 -12.59
N ALA B 314 -24.41 7.53 -11.49
CA ALA B 314 -25.07 7.39 -10.17
C ALA B 314 -26.34 8.22 -10.08
N LYS B 315 -26.28 9.44 -10.59
CA LYS B 315 -27.44 10.29 -10.63
C LYS B 315 -28.58 9.62 -11.43
N ASP B 316 -28.26 9.11 -12.60
CA ASP B 316 -29.22 8.45 -13.49
C ASP B 316 -29.88 7.24 -12.82
N HIS B 317 -29.12 6.56 -11.95
CA HIS B 317 -29.60 5.35 -11.27
C HIS B 317 -30.11 5.60 -9.84
N HIS B 318 -30.34 6.87 -9.50
CA HIS B 318 -30.89 7.22 -8.18
C HIS B 318 -29.97 6.67 -7.09
N SER B 319 -28.69 6.84 -7.35
CA SER B 319 -27.64 6.45 -6.43
C SER B 319 -26.94 7.72 -5.94
N ALA B 320 -25.74 7.53 -5.41
CA ALA B 320 -24.90 8.65 -4.93
C ALA B 320 -23.49 8.13 -4.74
N THR B 321 -22.51 9.04 -4.74
CA THR B 321 -21.09 8.63 -4.77
C THR B 321 -20.25 9.41 -3.79
N PHE B 322 -19.17 8.79 -3.33
CA PHE B 322 -18.26 9.43 -2.39
C PHE B 322 -16.84 9.25 -2.87
N TYR B 323 -16.19 10.36 -3.19
CA TYR B 323 -14.81 10.31 -3.70
C TYR B 323 -13.83 9.84 -2.63
N TRP B 324 -12.95 8.89 -2.95
CA TRP B 324 -11.93 8.48 -1.97
C TRP B 324 -10.73 9.42 -2.02
N MET B 325 -10.76 10.42 -1.14
CA MET B 325 -9.58 11.21 -0.73
C MET B 325 -8.98 12.21 -1.71
N SER B 326 -8.67 11.76 -2.92
CA SER B 326 -7.67 12.49 -3.73
C SER B 326 -8.01 13.95 -4.00
N ILE B 327 -9.29 14.26 -4.12
CA ILE B 327 -9.67 15.63 -4.49
C ILE B 327 -9.43 16.67 -3.38
N PHE B 328 -9.24 16.22 -2.13
CA PHE B 328 -9.17 17.15 -0.99
C PHE B 328 -8.28 16.53 0.09
N ASP B 329 -6.96 16.69 -0.09
CA ASP B 329 -6.02 15.81 0.58
C ASP B 329 -4.92 16.54 1.33
N GLY B 330 -4.50 15.98 2.46
CA GLY B 330 -3.32 16.49 3.16
C GLY B 330 -3.35 17.97 3.46
N SER B 331 -2.25 18.67 3.16
CA SER B 331 -2.14 20.08 3.46
C SER B 331 -3.20 20.92 2.75
N ASP B 332 -3.76 20.43 1.64
CA ASP B 332 -4.80 21.21 1.01
C ASP B 332 -6.01 21.37 1.92
N ARG B 333 -6.26 20.38 2.78
CA ARG B 333 -7.41 20.45 3.67
C ARG B 333 -7.33 21.66 4.58
N ILE B 334 -6.11 22.06 4.97
CA ILE B 334 -6.04 23.16 5.92
C ILE B 334 -6.07 24.53 5.27
N GLN B 335 -5.98 24.61 3.95
CA GLN B 335 -5.96 25.95 3.34
C GLN B 335 -7.29 26.71 3.57
N PRO B 336 -8.46 26.12 3.28
CA PRO B 336 -8.76 24.86 2.57
C PRO B 336 -8.85 25.15 1.09
N GLN B 337 -8.56 24.15 0.28
CA GLN B 337 -8.64 24.27 -1.18
C GLN B 337 -8.67 22.87 -1.79
N TRP B 338 -9.22 22.73 -2.99
CA TRP B 338 -9.19 21.42 -3.65
C TRP B 338 -7.77 21.04 -4.03
N SER B 339 -7.46 19.74 -3.91
CA SER B 339 -6.20 19.23 -4.42
C SER B 339 -6.24 19.09 -5.93
N LEU B 340 -7.42 18.73 -6.45
CA LEU B 340 -7.60 18.40 -7.86
C LEU B 340 -8.80 19.19 -8.39
N PRO B 341 -8.61 20.51 -8.58
CA PRO B 341 -9.77 21.31 -9.00
C PRO B 341 -10.36 20.90 -10.35
N THR B 342 -9.58 20.41 -11.31
CA THR B 342 -10.20 20.04 -12.59
CA THR B 342 -10.23 20.06 -12.57
C THR B 342 -11.08 18.79 -12.41
N VAL B 343 -10.70 17.89 -11.50
CA VAL B 343 -11.54 16.71 -11.23
C VAL B 343 -12.85 17.17 -10.59
N VAL B 344 -12.75 18.06 -9.61
CA VAL B 344 -13.94 18.57 -8.93
C VAL B 344 -14.84 19.32 -9.91
N GLU B 345 -14.24 20.12 -10.78
CA GLU B 345 -15.09 20.84 -11.77
C GLU B 345 -15.85 19.88 -12.65
N ALA B 346 -15.19 18.82 -13.10
CA ALA B 346 -15.85 17.82 -13.93
C ALA B 346 -17.03 17.16 -13.17
N MET B 347 -16.83 16.92 -11.86
CA MET B 347 -17.90 16.33 -11.05
C MET B 347 -19.08 17.29 -10.92
N GLN B 348 -18.78 18.55 -10.66
CA GLN B 348 -19.83 19.55 -10.45
C GLN B 348 -20.65 19.71 -11.72
N GLU B 349 -19.95 19.77 -12.85
CA GLU B 349 -20.63 19.88 -14.14
C GLU B 349 -21.47 18.64 -14.44
N ALA B 350 -20.94 17.45 -14.13
CA ALA B 350 -21.71 16.22 -14.40
C ALA B 350 -22.98 16.16 -13.55
N TYR B 351 -22.84 16.56 -12.29
CA TYR B 351 -23.96 16.45 -11.37
C TYR B 351 -25.04 17.48 -11.67
N ASN B 352 -24.63 18.69 -12.01
CA ASN B 352 -25.56 19.81 -12.10
C ASN B 352 -26.11 20.07 -13.49
N ASN B 353 -25.35 19.67 -14.49
CA ASN B 353 -25.61 19.99 -15.89
C ASN B 353 -25.80 18.71 -16.66
C2 BGC C . 13.20 1.33 20.09
C3 BGC C . 12.38 1.43 18.82
C4 BGC C . 10.91 1.07 19.12
C5 BGC C . 10.36 1.93 20.27
C6 BGC C . 8.89 1.55 20.60
C1 BGC C . 12.58 2.24 21.14
O1 BGC C . 13.39 2.20 22.34
O2 BGC C . 14.56 1.73 19.83
O3 BGC C . 12.93 0.54 17.82
O4 BGC C . 10.11 1.29 17.95
O5 BGC C . 11.21 1.82 21.44
O6 BGC C . 8.80 0.17 20.95
C2 BGC C . 8.54 0.94 16.14
C3 BGC C . 7.98 -0.18 15.30
C4 BGC C . 9.13 -0.81 14.46
C5 BGC C . 10.31 -1.21 15.40
C6 BGC C . 11.47 -1.75 14.54
C1 BGC C . 9.67 0.41 17.00
O2 BGC C . 7.48 1.44 16.98
O3 BGC C . 6.95 0.37 14.49
O4 BGC C . 8.67 -2.02 13.86
O5 BGC C . 10.75 -0.09 16.19
O6 BGC C . 12.62 -1.95 15.37
C2 BGC C . 8.73 -2.55 11.52
C3 BGC C . 8.00 -2.36 10.22
C4 BGC C . 6.51 -2.76 10.41
C5 BGC C . 5.91 -1.95 11.54
C6 BGC C . 4.43 -2.29 11.80
C1 BGC C . 7.99 -1.77 12.62
O2 BGC C . 10.12 -2.07 11.39
O3 BGC C . 8.65 -3.16 9.20
O4 BGC C . 5.74 -2.37 9.26
O5 BGC C . 6.61 -2.18 12.74
O6 BGC C . 4.42 -3.64 12.25
C2 BGC C . 4.55 -2.77 7.31
C3 BGC C . 4.56 -3.43 5.97
C4 BGC C . 5.82 -2.96 5.21
C5 BGC C . 6.99 -3.44 5.99
C6 BGC C . 8.29 -2.93 5.40
C1 BGC C . 5.80 -3.15 8.08
O2 BGC C . 3.34 -3.13 8.08
O3 BGC C . 3.40 -3.04 5.23
O4 BGC C . 5.83 -3.54 3.93
O5 BGC C . 6.99 -2.86 7.31
O6 BGC C . 9.30 -3.39 6.31
C1 XYS C . 10.52 -3.50 5.51
C2 XYS C . 11.73 -4.05 6.30
C3 XYS C . 12.30 -3.06 7.35
C4 XYS C . 12.46 -1.63 6.79
C5 XYS C . 11.11 -1.23 6.12
O2 XYS C . 11.41 -5.33 7.02
O3 XYS C . 13.61 -3.57 7.93
O4 XYS C . 12.79 -0.64 7.88
O5 XYS C . 10.81 -2.18 5.00
C1 XYS C . 3.10 -4.11 12.63
C2 XYS C . 3.32 -5.36 13.47
C3 XYS C . 4.01 -6.39 12.59
C4 XYS C . 3.02 -6.76 11.51
C5 XYS C . 2.72 -5.50 10.66
O2 XYS C . 4.15 -5.07 14.57
O3 XYS C . 4.39 -7.58 13.33
O4 XYS C . 3.58 -7.86 10.76
O5 XYS C . 2.23 -4.42 11.49
C1 XYS C . 13.53 -2.90 14.75
C2 XYS C . 14.60 -3.33 15.74
C3 XYS C . 15.32 -2.05 16.17
C4 XYS C . 15.92 -1.33 14.91
C5 XYS C . 14.84 -1.09 13.88
O2 XYS C . 14.05 -4.01 16.90
O3 XYS C . 16.34 -2.37 17.12
O4 XYS C . 16.49 -0.06 15.28
O5 XYS C . 14.20 -2.34 13.60
C2 BGC D . -15.02 -8.96 -16.98
C3 BGC D . -14.03 -8.23 -16.09
C4 BGC D . -12.80 -9.11 -15.86
C5 BGC D . -12.20 -9.56 -17.21
C6 BGC D . -10.96 -10.47 -16.99
C1 BGC D . -14.33 -9.34 -18.29
O1 BGC D . -15.27 -9.99 -19.15
O2 BGC D . -16.15 -8.11 -17.25
O3 BGC D . -14.64 -7.86 -14.82
O4 BGC D . -11.82 -8.36 -15.13
O5 BGC D . -13.21 -10.23 -18.02
O6 BGC D . -11.32 -11.61 -16.20
C2 BGC D . -10.07 -8.12 -13.46
C3 BGC D . -9.79 -8.37 -11.98
C4 BGC D . -10.97 -7.84 -11.11
C5 BGC D . -12.32 -8.41 -11.62
C6 BGC D . -13.44 -7.77 -10.82
C1 BGC D . -11.48 -8.66 -13.83
O2 BGC D . -9.06 -8.78 -14.28
O3 BGC D . -8.56 -7.70 -11.64
O4 BGC D . -10.83 -8.26 -9.76
O5 BGC D . -12.52 -8.07 -12.99
O6 BGC D . -14.67 -7.99 -11.49
C2 BGC D . -10.73 -6.94 -7.74
C3 BGC D . -9.79 -6.17 -6.84
C4 BGC D . -8.52 -7.01 -6.58
C5 BGC D . -7.90 -7.45 -7.92
C6 BGC D . -6.64 -8.31 -7.73
C1 BGC D . -9.98 -7.43 -8.99
O2 BGC D . -11.87 -6.12 -8.13
O3 BGC D . -10.47 -5.86 -5.61
O4 BGC D . -7.51 -6.19 -6.02
O5 BGC D . -8.85 -8.20 -8.65
O6 BGC D . -7.07 -9.49 -7.05
C2 BGC D . -6.22 -5.47 -4.18
C3 BGC D . -6.24 -4.88 -2.77
C4 BGC D . -7.22 -3.74 -2.74
C5 BGC D . -8.55 -4.28 -3.08
C6 BGC D . -9.56 -3.15 -3.09
C1 BGC D . -7.63 -5.85 -4.63
O2 BGC D . -5.32 -6.65 -4.27
O3 BGC D . -4.95 -4.39 -2.44
O4 BGC D . -7.28 -3.19 -1.38
O5 BGC D . -8.56 -4.77 -4.43
O6 BGC D . -10.78 -3.71 -3.58
C1 XYS D . -11.87 -2.89 -3.09
C2 XYS D . -13.28 -3.45 -3.43
C3 XYS D . -13.65 -3.36 -4.96
C4 XYS D . -13.34 -1.94 -5.46
C5 XYS D . -11.88 -1.65 -5.12
O2 XYS D . -13.40 -4.82 -2.97
O3 XYS D . -15.08 -3.55 -5.11
O4 XYS D . -13.61 -1.86 -6.92
O5 XYS D . -11.76 -1.57 -3.66
C1 XYS D . -6.01 -10.45 -6.84
C2 XYS D . -6.71 -11.75 -6.59
C3 XYS D . -7.48 -11.65 -5.28
C4 XYS D . -6.52 -11.41 -4.16
C5 XYS D . -5.85 -10.07 -4.43
O2 XYS D . -7.63 -11.98 -7.66
O3 XYS D . -8.18 -12.86 -5.02
O4 XYS D . -7.25 -11.43 -2.92
O5 XYS D . -5.15 -10.16 -5.70
C1 XYS D . -15.75 -7.90 -10.52
C2 XYS D . -17.03 -8.58 -11.04
C3 XYS D . -17.49 -7.78 -12.26
C4 XYS D . -17.68 -6.30 -11.88
C5 XYS D . -16.39 -5.75 -11.27
O2 XYS D . -16.75 -9.96 -11.41
O3 XYS D . -18.70 -8.33 -12.81
O4 XYS D . -17.93 -5.54 -13.04
O5 XYS D . -16.03 -6.52 -10.13
CA CA E . 8.40 -2.18 0.75
CA CA F . 17.93 9.47 -26.20
CA CA G . 35.35 4.47 1.93
CA CA H . -8.99 0.72 -0.40
CA CA I . -33.52 1.54 -7.89
#